data_1DME
# 
_entry.id   1DME 
# 
_audit_conform.dict_name       mmcif_pdbx.dic 
_audit_conform.dict_version    5.392 
_audit_conform.dict_location   http://mmcif.pdb.org/dictionaries/ascii/mmcif_pdbx.dic 
# 
loop_
_database_2.database_id 
_database_2.database_code 
_database_2.pdbx_database_accession 
_database_2.pdbx_DOI 
PDB   1DME         pdb_00001dme 10.2210/pdb1dme/pdb 
WWPDB D_1000172841 ?            ?                   
# 
loop_
_pdbx_audit_revision_history.ordinal 
_pdbx_audit_revision_history.data_content_type 
_pdbx_audit_revision_history.major_revision 
_pdbx_audit_revision_history.minor_revision 
_pdbx_audit_revision_history.revision_date 
1 'Structure model' 1 0 1995-02-07 
2 'Structure model' 1 1 2008-03-03 
3 'Structure model' 1 2 2011-07-13 
4 'Structure model' 1 3 2022-02-16 
5 'Structure model' 1 4 2024-05-22 
# 
_pdbx_audit_revision_details.ordinal             1 
_pdbx_audit_revision_details.revision_ordinal    1 
_pdbx_audit_revision_details.data_content_type   'Structure model' 
_pdbx_audit_revision_details.provider            repository 
_pdbx_audit_revision_details.type                'Initial release' 
_pdbx_audit_revision_details.description         ? 
_pdbx_audit_revision_details.details             ? 
# 
loop_
_pdbx_audit_revision_group.ordinal 
_pdbx_audit_revision_group.revision_ordinal 
_pdbx_audit_revision_group.data_content_type 
_pdbx_audit_revision_group.group 
1 2 'Structure model' 'Version format compliance' 
2 3 'Structure model' 'Version format compliance' 
3 4 'Structure model' 'Database references'       
4 4 'Structure model' 'Derived calculations'      
5 4 'Structure model' Other                       
6 5 'Structure model' 'Data collection'           
# 
loop_
_pdbx_audit_revision_category.ordinal 
_pdbx_audit_revision_category.revision_ordinal 
_pdbx_audit_revision_category.data_content_type 
_pdbx_audit_revision_category.category 
1 4 'Structure model' database_2             
2 4 'Structure model' pdbx_database_status   
3 4 'Structure model' pdbx_struct_assembly   
4 4 'Structure model' pdbx_struct_conn_angle 
5 4 'Structure model' pdbx_struct_oper_list  
6 4 'Structure model' struct_conn            
7 4 'Structure model' struct_site            
8 5 'Structure model' chem_comp_atom         
9 5 'Structure model' chem_comp_bond         
# 
loop_
_pdbx_audit_revision_item.ordinal 
_pdbx_audit_revision_item.revision_ordinal 
_pdbx_audit_revision_item.data_content_type 
_pdbx_audit_revision_item.item 
1  4 'Structure model' '_database_2.pdbx_DOI'                       
2  4 'Structure model' '_database_2.pdbx_database_accession'        
3  4 'Structure model' '_pdbx_database_status.process_site'         
4  4 'Structure model' '_pdbx_struct_conn_angle.ptnr1_auth_seq_id'  
5  4 'Structure model' '_pdbx_struct_conn_angle.ptnr1_label_seq_id' 
6  4 'Structure model' '_pdbx_struct_conn_angle.ptnr3_auth_seq_id'  
7  4 'Structure model' '_pdbx_struct_conn_angle.ptnr3_label_seq_id' 
8  4 'Structure model' '_pdbx_struct_conn_angle.value'              
9  4 'Structure model' '_struct_conn.pdbx_dist_value'               
10 4 'Structure model' '_struct_conn.ptnr1_auth_comp_id'            
11 4 'Structure model' '_struct_conn.ptnr1_auth_seq_id'             
12 4 'Structure model' '_struct_conn.ptnr1_label_asym_id'           
13 4 'Structure model' '_struct_conn.ptnr1_label_atom_id'           
14 4 'Structure model' '_struct_conn.ptnr1_label_comp_id'           
15 4 'Structure model' '_struct_conn.ptnr1_label_seq_id'            
16 4 'Structure model' '_struct_conn.ptnr2_auth_comp_id'            
17 4 'Structure model' '_struct_conn.ptnr2_auth_seq_id'             
18 4 'Structure model' '_struct_conn.ptnr2_label_asym_id'           
19 4 'Structure model' '_struct_conn.ptnr2_label_atom_id'           
20 4 'Structure model' '_struct_conn.ptnr2_label_comp_id'           
21 4 'Structure model' '_struct_conn.ptnr2_label_seq_id'            
22 4 'Structure model' '_struct_site.pdbx_auth_asym_id'             
23 4 'Structure model' '_struct_site.pdbx_auth_comp_id'             
24 4 'Structure model' '_struct_site.pdbx_auth_seq_id'              
# 
_pdbx_database_status.status_code                     REL 
_pdbx_database_status.entry_id                        1DME 
_pdbx_database_status.recvd_initial_deposition_date   1994-11-22 
_pdbx_database_status.deposit_site                    ? 
_pdbx_database_status.process_site                    BNL 
_pdbx_database_status.SG_entry                        . 
_pdbx_database_status.pdb_format_compatible           Y 
_pdbx_database_status.status_code_mr                  ? 
_pdbx_database_status.status_code_sf                  ? 
_pdbx_database_status.status_code_cs                  ? 
_pdbx_database_status.status_code_nmr_data            ? 
_pdbx_database_status.methods_development_category    ? 
# 
_pdbx_database_related.db_name        PDB 
_pdbx_database_related.db_id          1DMF 
_pdbx_database_related.details        . 
_pdbx_database_related.content_type   ensemble 
# 
loop_
_audit_author.name 
_audit_author.pdbx_ordinal 
'Narula, S.S.'   1 
'Brouwer, M.'    2 
'Hua, Y.'        3 
'Armitage, I.M.' 4 
# 
loop_
_citation.id 
_citation.title 
_citation.journal_abbrev 
_citation.journal_volume 
_citation.page_first 
_citation.page_last 
_citation.year 
_citation.journal_id_ASTM 
_citation.country 
_citation.journal_id_ISSN 
_citation.journal_id_CSD 
_citation.book_publisher 
_citation.pdbx_database_id_PubMed 
_citation.pdbx_database_id_DOI 
primary 
;Three-dimensional solution structure of Callinectes sapidus metallothionein-1 determined by homonuclear and heteronuclear magnetic resonance spectroscopy.
;
Biochemistry     34  620 631 1995 BICHAW US 0006-2960 0033 ? 7819257 10.1021/bi00002a029 
1       
;Establishment of Two Distinct Protein Domains in Blue Crab Callinectes Sapidus Metallothionein-I Through Heteronuclear (1H-113Cd) and Homonuclear (1H-1H) Correlation NMR Experiment
;
Magn.Reson.Chem. 31  96  ?   1993 MRCHEG UK 0749-1581 0731 ? ?       ?                   
2       
'Three-Dimensional Structure of Human [113Cd-7] Metallothionein-2 in Solution Determined by Nuclear Magnetic Resonance Spectroscopy' 
J.Mol.Biol.      214 765 ?   1990 JMOBAK UK 0022-2836 0070 ? ?       ?                   
# 
loop_
_citation_author.citation_id 
_citation_author.name 
_citation_author.ordinal 
_citation_author.identifier_ORCID 
primary 'Narula, S.S.'   1  ? 
primary 'Brouwer, M.'    2  ? 
primary 'Hua, Y.'        3  ? 
primary 'Armitage, I.M.' 4  ? 
1       'Narula, S.S.'   5  ? 
1       'Brouwer, M.'    6  ? 
1       'Armitage, I.M.' 7  ? 
2       'Messerle, B.A.' 8  ? 
2       'Schaeffer, A.'  9  ? 
2       'Vasak, M.'      10 ? 
2       'Kaegi, J.H.R.'  11 ? 
2       'Wuthrich, K.'   12 ? 
# 
loop_
_entity.id 
_entity.type 
_entity.src_method 
_entity.pdbx_description 
_entity.formula_weight 
_entity.pdbx_number_of_molecules 
_entity.pdbx_ec 
_entity.pdbx_mutation 
_entity.pdbx_fragment 
_entity.details 
1 polymer     man 'CD6 METALLOTHIONEIN-1' 2844.320 1 ? ? ? ? 
2 non-polymer syn 'CADMIUM ION'           112.411  3 ? ? ? ? 
# 
_entity_poly.entity_id                      1 
_entity_poly.type                           'polypeptide(L)' 
_entity_poly.nstd_linkage                   no 
_entity_poly.nstd_monomer                   no 
_entity_poly.pdbx_seq_one_letter_code       PGPCCNDKCVCQEGGCKAGCQCTSCRCS 
_entity_poly.pdbx_seq_one_letter_code_can   PGPCCNDKCVCQEGGCKAGCQCTSCRCS 
_entity_poly.pdbx_strand_id                 A 
_entity_poly.pdbx_target_identifier         ? 
# 
_pdbx_entity_nonpoly.entity_id   2 
_pdbx_entity_nonpoly.name        'CADMIUM ION' 
_pdbx_entity_nonpoly.comp_id     CD 
# 
loop_
_entity_poly_seq.entity_id 
_entity_poly_seq.num 
_entity_poly_seq.mon_id 
_entity_poly_seq.hetero 
1 1  PRO n 
1 2  GLY n 
1 3  PRO n 
1 4  CYS n 
1 5  CYS n 
1 6  ASN n 
1 7  ASP n 
1 8  LYS n 
1 9  CYS n 
1 10 VAL n 
1 11 CYS n 
1 12 GLN n 
1 13 GLU n 
1 14 GLY n 
1 15 GLY n 
1 16 CYS n 
1 17 LYS n 
1 18 ALA n 
1 19 GLY n 
1 20 CYS n 
1 21 GLN n 
1 22 CYS n 
1 23 THR n 
1 24 SER n 
1 25 CYS n 
1 26 ARG n 
1 27 CYS n 
1 28 SER n 
# 
_entity_src_gen.entity_id                          1 
_entity_src_gen.pdbx_src_id                        1 
_entity_src_gen.pdbx_alt_source_flag               sample 
_entity_src_gen.pdbx_seq_type                      ? 
_entity_src_gen.pdbx_beg_seq_num                   ? 
_entity_src_gen.pdbx_end_seq_num                   ? 
_entity_src_gen.gene_src_common_name               'blue crab' 
_entity_src_gen.gene_src_genus                     Callinectes 
_entity_src_gen.pdbx_gene_src_gene                 ? 
_entity_src_gen.gene_src_species                   ? 
_entity_src_gen.gene_src_strain                    ? 
_entity_src_gen.gene_src_tissue                    ? 
_entity_src_gen.gene_src_tissue_fraction           ? 
_entity_src_gen.gene_src_details                   ? 
_entity_src_gen.pdbx_gene_src_fragment             ? 
_entity_src_gen.pdbx_gene_src_scientific_name      'Callinectes sapidus' 
_entity_src_gen.pdbx_gene_src_ncbi_taxonomy_id     6763 
_entity_src_gen.pdbx_gene_src_variant              ? 
_entity_src_gen.pdbx_gene_src_cell_line            ? 
_entity_src_gen.pdbx_gene_src_atcc                 ? 
_entity_src_gen.pdbx_gene_src_organ                ? 
_entity_src_gen.pdbx_gene_src_organelle            ? 
_entity_src_gen.pdbx_gene_src_cell                 ? 
_entity_src_gen.pdbx_gene_src_cellular_location    ? 
_entity_src_gen.host_org_common_name               ? 
_entity_src_gen.pdbx_host_org_scientific_name      ? 
_entity_src_gen.pdbx_host_org_ncbi_taxonomy_id     ? 
_entity_src_gen.host_org_genus                     ? 
_entity_src_gen.pdbx_host_org_gene                 ? 
_entity_src_gen.pdbx_host_org_organ                ? 
_entity_src_gen.host_org_species                   ? 
_entity_src_gen.pdbx_host_org_tissue               ? 
_entity_src_gen.pdbx_host_org_tissue_fraction      ? 
_entity_src_gen.pdbx_host_org_strain               ? 
_entity_src_gen.pdbx_host_org_variant              ? 
_entity_src_gen.pdbx_host_org_cell_line            ? 
_entity_src_gen.pdbx_host_org_atcc                 ? 
_entity_src_gen.pdbx_host_org_culture_collection   ? 
_entity_src_gen.pdbx_host_org_cell                 ? 
_entity_src_gen.pdbx_host_org_organelle            ? 
_entity_src_gen.pdbx_host_org_cellular_location    ? 
_entity_src_gen.pdbx_host_org_vector_type          ? 
_entity_src_gen.pdbx_host_org_vector               ? 
_entity_src_gen.host_org_details                   ? 
_entity_src_gen.expression_system_id               ? 
_entity_src_gen.plasmid_name                       ? 
_entity_src_gen.plasmid_details                    ? 
_entity_src_gen.pdbx_description                   ? 
# 
loop_
_chem_comp.id 
_chem_comp.type 
_chem_comp.mon_nstd_flag 
_chem_comp.name 
_chem_comp.pdbx_synonyms 
_chem_comp.formula 
_chem_comp.formula_weight 
ALA 'L-peptide linking' y ALANINE         ? 'C3 H7 N O2'     89.093  
ARG 'L-peptide linking' y ARGININE        ? 'C6 H15 N4 O2 1' 175.209 
ASN 'L-peptide linking' y ASPARAGINE      ? 'C4 H8 N2 O3'    132.118 
ASP 'L-peptide linking' y 'ASPARTIC ACID' ? 'C4 H7 N O4'     133.103 
CD  non-polymer         . 'CADMIUM ION'   ? 'Cd 2'           112.411 
CYS 'L-peptide linking' y CYSTEINE        ? 'C3 H7 N O2 S'   121.158 
GLN 'L-peptide linking' y GLUTAMINE       ? 'C5 H10 N2 O3'   146.144 
GLU 'L-peptide linking' y 'GLUTAMIC ACID' ? 'C5 H9 N O4'     147.129 
GLY 'peptide linking'   y GLYCINE         ? 'C2 H5 N O2'     75.067  
LYS 'L-peptide linking' y LYSINE          ? 'C6 H15 N2 O2 1' 147.195 
PRO 'L-peptide linking' y PROLINE         ? 'C5 H9 N O2'     115.130 
SER 'L-peptide linking' y SERINE          ? 'C3 H7 N O3'     105.093 
THR 'L-peptide linking' y THREONINE       ? 'C4 H9 N O3'     119.119 
VAL 'L-peptide linking' y VALINE          ? 'C5 H11 N O2'    117.146 
# 
loop_
_pdbx_poly_seq_scheme.asym_id 
_pdbx_poly_seq_scheme.entity_id 
_pdbx_poly_seq_scheme.seq_id 
_pdbx_poly_seq_scheme.mon_id 
_pdbx_poly_seq_scheme.ndb_seq_num 
_pdbx_poly_seq_scheme.pdb_seq_num 
_pdbx_poly_seq_scheme.auth_seq_num 
_pdbx_poly_seq_scheme.pdb_mon_id 
_pdbx_poly_seq_scheme.auth_mon_id 
_pdbx_poly_seq_scheme.pdb_strand_id 
_pdbx_poly_seq_scheme.pdb_ins_code 
_pdbx_poly_seq_scheme.hetero 
A 1 1  PRO 1  1  1  PRO PRO A . n 
A 1 2  GLY 2  2  2  GLY GLY A . n 
A 1 3  PRO 3  3  3  PRO PRO A . n 
A 1 4  CYS 4  4  4  CYS CYS A . n 
A 1 5  CYS 5  5  5  CYS CYS A . n 
A 1 6  ASN 6  6  6  ASN ASN A . n 
A 1 7  ASP 7  7  7  ASP ASP A . n 
A 1 8  LYS 8  8  8  LYS LYS A . n 
A 1 9  CYS 9  9  9  CYS CYS A . n 
A 1 10 VAL 10 10 10 VAL VAL A . n 
A 1 11 CYS 11 11 11 CYS CYS A . n 
A 1 12 GLN 12 12 12 GLN GLN A . n 
A 1 13 GLU 13 13 13 GLU GLU A . n 
A 1 14 GLY 14 14 14 GLY GLY A . n 
A 1 15 GLY 15 15 15 GLY GLY A . n 
A 1 16 CYS 16 16 16 CYS CYS A . n 
A 1 17 LYS 17 17 17 LYS LYS A . n 
A 1 18 ALA 18 18 18 ALA ALA A . n 
A 1 19 GLY 19 19 19 GLY GLY A . n 
A 1 20 CYS 20 20 20 CYS CYS A . n 
A 1 21 GLN 21 21 21 GLN GLN A . n 
A 1 22 CYS 22 22 22 CYS CYS A . n 
A 1 23 THR 23 23 23 THR THR A . n 
A 1 24 SER 24 24 24 SER SER A . n 
A 1 25 CYS 25 25 25 CYS CYS A . n 
A 1 26 ARG 26 26 26 ARG ARG A . n 
A 1 27 CYS 27 27 27 CYS CYS A . n 
A 1 28 SER 28 28 28 SER SER A . n 
# 
loop_
_pdbx_nonpoly_scheme.asym_id 
_pdbx_nonpoly_scheme.entity_id 
_pdbx_nonpoly_scheme.mon_id 
_pdbx_nonpoly_scheme.ndb_seq_num 
_pdbx_nonpoly_scheme.pdb_seq_num 
_pdbx_nonpoly_scheme.auth_seq_num 
_pdbx_nonpoly_scheme.pdb_mon_id 
_pdbx_nonpoly_scheme.auth_mon_id 
_pdbx_nonpoly_scheme.pdb_strand_id 
_pdbx_nonpoly_scheme.pdb_ins_code 
B 2 CD 1 103 103 CD CD A . 
C 2 CD 1 104 104 CD CD A . 
D 2 CD 1 105 105 CD CD A . 
# 
_cell.entry_id           1DME 
_cell.length_a           1.000 
_cell.length_b           1.000 
_cell.length_c           1.000 
_cell.angle_alpha        90.00 
_cell.angle_beta         90.00 
_cell.angle_gamma        90.00 
_cell.Z_PDB              1 
_cell.pdbx_unique_axis   ? 
# 
_symmetry.entry_id                         1DME 
_symmetry.space_group_name_H-M             'P 1' 
_symmetry.pdbx_full_space_group_name_H-M   ? 
_symmetry.cell_setting                     ? 
_symmetry.Int_Tables_number                1 
# 
_exptl.entry_id          1DME 
_exptl.method            'SOLUTION NMR' 
_exptl.crystals_number   ? 
# 
_struct.entry_id                  1DME 
_struct.title                     
;THE THREE-DIMENSIONAL SOLUTION STRUCTURE OF CALLINECTES SAPIDUS METALLOTHIONEIN-I DETERMINED BY HOMONUCLEAR AND HETERONUCLEAR MAGNETIC RESONANCE SPECTOSCOPY
;
_struct.pdbx_model_details        ? 
_struct.pdbx_CASP_flag            ? 
_struct.pdbx_model_type_details   ? 
# 
_struct_keywords.entry_id        1DME 
_struct_keywords.pdbx_keywords   METALLOTHIONEIN 
_struct_keywords.text            METALLOTHIONEIN 
# 
loop_
_struct_asym.id 
_struct_asym.pdbx_blank_PDB_chainid_flag 
_struct_asym.pdbx_modified 
_struct_asym.entity_id 
_struct_asym.details 
A Y N 1 ? 
B N N 2 ? 
C N N 2 ? 
D N N 2 ? 
# 
_struct_ref.id                         1 
_struct_ref.db_name                    UNP 
_struct_ref.db_code                    MT1_CALSI 
_struct_ref.entity_id                  1 
_struct_ref.pdbx_db_accession          P55949 
_struct_ref.pdbx_align_begin           1 
_struct_ref.pdbx_seq_one_letter_code   MPGPCCNDKCVCQEGGCKAGCQCTSCRCSPCQKCTSGCKCATKEECSKTCTKPCSCCPK 
_struct_ref.pdbx_db_isoform            ? 
# 
_struct_ref_seq.align_id                      1 
_struct_ref_seq.ref_id                        1 
_struct_ref_seq.pdbx_PDB_id_code              1DME 
_struct_ref_seq.pdbx_strand_id                A 
_struct_ref_seq.seq_align_beg                 1 
_struct_ref_seq.pdbx_seq_align_beg_ins_code   ? 
_struct_ref_seq.seq_align_end                 28 
_struct_ref_seq.pdbx_seq_align_end_ins_code   ? 
_struct_ref_seq.pdbx_db_accession             P55949 
_struct_ref_seq.db_align_beg                  2 
_struct_ref_seq.pdbx_db_align_beg_ins_code    ? 
_struct_ref_seq.db_align_end                  29 
_struct_ref_seq.pdbx_db_align_end_ins_code    ? 
_struct_ref_seq.pdbx_auth_seq_align_beg       1 
_struct_ref_seq.pdbx_auth_seq_align_end       28 
# 
_pdbx_struct_assembly.id                   1 
_pdbx_struct_assembly.details              author_defined_assembly 
_pdbx_struct_assembly.method_details       ? 
_pdbx_struct_assembly.oligomeric_details   monomeric 
_pdbx_struct_assembly.oligomeric_count     1 
# 
_pdbx_struct_assembly_gen.assembly_id       1 
_pdbx_struct_assembly_gen.oper_expression   1 
_pdbx_struct_assembly_gen.asym_id_list      A,B,C,D 
# 
_pdbx_struct_oper_list.id                   1 
_pdbx_struct_oper_list.type                 'identity operation' 
_pdbx_struct_oper_list.name                 1_555 
_pdbx_struct_oper_list.symmetry_operation   x,y,z 
_pdbx_struct_oper_list.matrix[1][1]         1.0000000000 
_pdbx_struct_oper_list.matrix[1][2]         0.0000000000 
_pdbx_struct_oper_list.matrix[1][3]         0.0000000000 
_pdbx_struct_oper_list.vector[1]            0.0000000000 
_pdbx_struct_oper_list.matrix[2][1]         0.0000000000 
_pdbx_struct_oper_list.matrix[2][2]         1.0000000000 
_pdbx_struct_oper_list.matrix[2][3]         0.0000000000 
_pdbx_struct_oper_list.vector[2]            0.0000000000 
_pdbx_struct_oper_list.matrix[3][1]         0.0000000000 
_pdbx_struct_oper_list.matrix[3][2]         0.0000000000 
_pdbx_struct_oper_list.matrix[3][3]         1.0000000000 
_pdbx_struct_oper_list.vector[3]            0.0000000000 
# 
_struct_biol.id   1 
# 
loop_
_struct_conn.id 
_struct_conn.conn_type_id 
_struct_conn.pdbx_leaving_atom_flag 
_struct_conn.pdbx_PDB_id 
_struct_conn.ptnr1_label_asym_id 
_struct_conn.ptnr1_label_comp_id 
_struct_conn.ptnr1_label_seq_id 
_struct_conn.ptnr1_label_atom_id 
_struct_conn.pdbx_ptnr1_label_alt_id 
_struct_conn.pdbx_ptnr1_PDB_ins_code 
_struct_conn.pdbx_ptnr1_standard_comp_id 
_struct_conn.ptnr1_symmetry 
_struct_conn.ptnr2_label_asym_id 
_struct_conn.ptnr2_label_comp_id 
_struct_conn.ptnr2_label_seq_id 
_struct_conn.ptnr2_label_atom_id 
_struct_conn.pdbx_ptnr2_label_alt_id 
_struct_conn.pdbx_ptnr2_PDB_ins_code 
_struct_conn.ptnr1_auth_asym_id 
_struct_conn.ptnr1_auth_comp_id 
_struct_conn.ptnr1_auth_seq_id 
_struct_conn.ptnr2_auth_asym_id 
_struct_conn.ptnr2_auth_comp_id 
_struct_conn.ptnr2_auth_seq_id 
_struct_conn.ptnr2_symmetry 
_struct_conn.pdbx_ptnr3_label_atom_id 
_struct_conn.pdbx_ptnr3_label_seq_id 
_struct_conn.pdbx_ptnr3_label_comp_id 
_struct_conn.pdbx_ptnr3_label_asym_id 
_struct_conn.pdbx_ptnr3_label_alt_id 
_struct_conn.pdbx_ptnr3_PDB_ins_code 
_struct_conn.details 
_struct_conn.pdbx_dist_value 
_struct_conn.pdbx_value_order 
_struct_conn.pdbx_role 
metalc1  metalc ? ? A CYS 4  SG ? ? ? 1_555 B CD . CD ? ? A CYS 4  A CD 103 1_555 ? ? ? ? ? ? ? 2.547 ? ? 
metalc2  metalc ? ? A CYS 5  SG ? ? ? 1_555 B CD . CD ? ? A CYS 5  A CD 103 1_555 ? ? ? ? ? ? ? 2.510 ? ? 
metalc3  metalc ? ? A CYS 5  SG ? ? ? 1_555 C CD . CD ? ? A CYS 5  A CD 104 1_555 ? ? ? ? ? ? ? 2.587 ? ? 
metalc4  metalc ? ? A CYS 9  SG ? ? ? 1_555 C CD . CD ? ? A CYS 9  A CD 104 1_555 ? ? ? ? ? ? ? 2.570 ? ? 
metalc5  metalc ? ? A CYS 11 SG ? ? ? 1_555 D CD . CD ? ? A CYS 11 A CD 105 1_555 ? ? ? ? ? ? ? 2.516 ? ? 
metalc6  metalc ? ? A CYS 16 SG ? ? ? 1_555 B CD . CD ? ? A CYS 16 A CD 103 1_555 ? ? ? ? ? ? ? 2.499 ? ? 
metalc7  metalc ? ? A CYS 16 SG ? ? ? 1_555 D CD . CD ? ? A CYS 16 A CD 105 1_555 ? ? ? ? ? ? ? 2.546 ? ? 
metalc8  metalc ? ? A CYS 20 SG ? ? ? 1_555 B CD . CD ? ? A CYS 20 A CD 103 1_555 ? ? ? ? ? ? ? 2.544 ? ? 
metalc9  metalc ? ? A CYS 20 SG ? ? ? 1_555 D CD . CD ? ? A CYS 20 A CD 105 1_555 ? ? ? ? ? ? ? 3.032 ? ? 
metalc10 metalc ? ? A CYS 22 SG ? ? ? 1_555 C CD . CD ? ? A CYS 22 A CD 104 1_555 ? ? ? ? ? ? ? 2.520 ? ? 
metalc11 metalc ? ? A CYS 25 SG ? ? ? 1_555 C CD . CD ? ? A CYS 25 A CD 104 1_555 ? ? ? ? ? ? ? 2.596 ? ? 
metalc12 metalc ? ? A CYS 25 SG ? ? ? 1_555 D CD . CD ? ? A CYS 25 A CD 105 1_555 ? ? ? ? ? ? ? 2.602 ? ? 
metalc13 metalc ? ? A CYS 27 SG ? ? ? 1_555 D CD . CD ? ? A CYS 27 A CD 105 1_555 ? ? ? ? ? ? ? 2.563 ? ? 
# 
_struct_conn_type.id          metalc 
_struct_conn_type.criteria    ? 
_struct_conn_type.reference   ? 
# 
loop_
_pdbx_struct_conn_angle.id 
_pdbx_struct_conn_angle.ptnr1_label_atom_id 
_pdbx_struct_conn_angle.ptnr1_label_alt_id 
_pdbx_struct_conn_angle.ptnr1_label_asym_id 
_pdbx_struct_conn_angle.ptnr1_label_comp_id 
_pdbx_struct_conn_angle.ptnr1_label_seq_id 
_pdbx_struct_conn_angle.ptnr1_auth_atom_id 
_pdbx_struct_conn_angle.ptnr1_auth_asym_id 
_pdbx_struct_conn_angle.ptnr1_auth_comp_id 
_pdbx_struct_conn_angle.ptnr1_auth_seq_id 
_pdbx_struct_conn_angle.ptnr1_PDB_ins_code 
_pdbx_struct_conn_angle.ptnr1_symmetry 
_pdbx_struct_conn_angle.ptnr2_label_atom_id 
_pdbx_struct_conn_angle.ptnr2_label_alt_id 
_pdbx_struct_conn_angle.ptnr2_label_asym_id 
_pdbx_struct_conn_angle.ptnr2_label_comp_id 
_pdbx_struct_conn_angle.ptnr2_label_seq_id 
_pdbx_struct_conn_angle.ptnr2_auth_atom_id 
_pdbx_struct_conn_angle.ptnr2_auth_asym_id 
_pdbx_struct_conn_angle.ptnr2_auth_comp_id 
_pdbx_struct_conn_angle.ptnr2_auth_seq_id 
_pdbx_struct_conn_angle.ptnr2_PDB_ins_code 
_pdbx_struct_conn_angle.ptnr2_symmetry 
_pdbx_struct_conn_angle.ptnr3_label_atom_id 
_pdbx_struct_conn_angle.ptnr3_label_alt_id 
_pdbx_struct_conn_angle.ptnr3_label_asym_id 
_pdbx_struct_conn_angle.ptnr3_label_comp_id 
_pdbx_struct_conn_angle.ptnr3_label_seq_id 
_pdbx_struct_conn_angle.ptnr3_auth_atom_id 
_pdbx_struct_conn_angle.ptnr3_auth_asym_id 
_pdbx_struct_conn_angle.ptnr3_auth_comp_id 
_pdbx_struct_conn_angle.ptnr3_auth_seq_id 
_pdbx_struct_conn_angle.ptnr3_PDB_ins_code 
_pdbx_struct_conn_angle.ptnr3_symmetry 
_pdbx_struct_conn_angle.value 
_pdbx_struct_conn_angle.value_esd 
1  SG ? A CYS 4  ? A CYS 4  ? 1_555 CD ? B CD . ? A CD 103 ? 1_555 SG ? A CYS 5  ? A CYS 5  ? 1_555 112.1 ? 
2  SG ? A CYS 4  ? A CYS 4  ? 1_555 CD ? B CD . ? A CD 103 ? 1_555 SG ? A CYS 16 ? A CYS 16 ? 1_555 108.7 ? 
3  SG ? A CYS 5  ? A CYS 5  ? 1_555 CD ? B CD . ? A CD 103 ? 1_555 SG ? A CYS 16 ? A CYS 16 ? 1_555 98.5  ? 
4  SG ? A CYS 4  ? A CYS 4  ? 1_555 CD ? B CD . ? A CD 103 ? 1_555 SG ? A CYS 20 ? A CYS 20 ? 1_555 110.2 ? 
5  SG ? A CYS 5  ? A CYS 5  ? 1_555 CD ? B CD . ? A CD 103 ? 1_555 SG ? A CYS 20 ? A CYS 20 ? 1_555 114.3 ? 
6  SG ? A CYS 16 ? A CYS 16 ? 1_555 CD ? B CD . ? A CD 103 ? 1_555 SG ? A CYS 20 ? A CYS 20 ? 1_555 112.5 ? 
7  SG ? A CYS 5  ? A CYS 5  ? 1_555 CD ? C CD . ? A CD 104 ? 1_555 SG ? A CYS 9  ? A CYS 9  ? 1_555 113.5 ? 
8  SG ? A CYS 5  ? A CYS 5  ? 1_555 CD ? C CD . ? A CD 104 ? 1_555 SG ? A CYS 22 ? A CYS 22 ? 1_555 98.2  ? 
9  SG ? A CYS 9  ? A CYS 9  ? 1_555 CD ? C CD . ? A CD 104 ? 1_555 SG ? A CYS 22 ? A CYS 22 ? 1_555 103.2 ? 
10 SG ? A CYS 5  ? A CYS 5  ? 1_555 CD ? C CD . ? A CD 104 ? 1_555 SG ? A CYS 25 ? A CYS 25 ? 1_555 124.7 ? 
11 SG ? A CYS 9  ? A CYS 9  ? 1_555 CD ? C CD . ? A CD 104 ? 1_555 SG ? A CYS 25 ? A CYS 25 ? 1_555 110.2 ? 
12 SG ? A CYS 22 ? A CYS 22 ? 1_555 CD ? C CD . ? A CD 104 ? 1_555 SG ? A CYS 25 ? A CYS 25 ? 1_555 103.3 ? 
13 SG ? A CYS 11 ? A CYS 11 ? 1_555 CD ? D CD . ? A CD 105 ? 1_555 SG ? A CYS 16 ? A CYS 16 ? 1_555 102.9 ? 
14 SG ? A CYS 11 ? A CYS 11 ? 1_555 CD ? D CD . ? A CD 105 ? 1_555 SG ? A CYS 20 ? A CYS 20 ? 1_555 157.5 ? 
15 SG ? A CYS 16 ? A CYS 16 ? 1_555 CD ? D CD . ? A CD 105 ? 1_555 SG ? A CYS 20 ? A CYS 20 ? 1_555 97.1  ? 
16 SG ? A CYS 11 ? A CYS 11 ? 1_555 CD ? D CD . ? A CD 105 ? 1_555 SG ? A CYS 25 ? A CYS 25 ? 1_555 93.2  ? 
17 SG ? A CYS 16 ? A CYS 16 ? 1_555 CD ? D CD . ? A CD 105 ? 1_555 SG ? A CYS 25 ? A CYS 25 ? 1_555 117.9 ? 
18 SG ? A CYS 20 ? A CYS 20 ? 1_555 CD ? D CD . ? A CD 105 ? 1_555 SG ? A CYS 25 ? A CYS 25 ? 1_555 68.1  ? 
19 SG ? A CYS 11 ? A CYS 11 ? 1_555 CD ? D CD . ? A CD 105 ? 1_555 SG ? A CYS 27 ? A CYS 27 ? 1_555 111.8 ? 
20 SG ? A CYS 16 ? A CYS 16 ? 1_555 CD ? D CD . ? A CD 105 ? 1_555 SG ? A CYS 27 ? A CYS 27 ? 1_555 114.3 ? 
21 SG ? A CYS 20 ? A CYS 20 ? 1_555 CD ? D CD . ? A CD 105 ? 1_555 SG ? A CYS 27 ? A CYS 27 ? 1_555 68.0  ? 
22 SG ? A CYS 25 ? A CYS 25 ? 1_555 CD ? D CD . ? A CD 105 ? 1_555 SG ? A CYS 27 ? A CYS 27 ? 1_555 113.9 ? 
# 
loop_
_struct_site.id 
_struct_site.pdbx_evidence_code 
_struct_site.pdbx_auth_asym_id 
_struct_site.pdbx_auth_comp_id 
_struct_site.pdbx_auth_seq_id 
_struct_site.pdbx_auth_ins_code 
_struct_site.pdbx_num_residues 
_struct_site.details 
AC1 Software A CD 103 ? 6 'BINDING SITE FOR RESIDUE CD A 103' 
AC2 Software A CD 104 ? 5 'BINDING SITE FOR RESIDUE CD A 104' 
AC3 Software A CD 105 ? 6 'BINDING SITE FOR RESIDUE CD A 105' 
# 
loop_
_struct_site_gen.id 
_struct_site_gen.site_id 
_struct_site_gen.pdbx_num_res 
_struct_site_gen.label_comp_id 
_struct_site_gen.label_asym_id 
_struct_site_gen.label_seq_id 
_struct_site_gen.pdbx_auth_ins_code 
_struct_site_gen.auth_comp_id 
_struct_site_gen.auth_asym_id 
_struct_site_gen.auth_seq_id 
_struct_site_gen.label_atom_id 
_struct_site_gen.label_alt_id 
_struct_site_gen.symmetry 
_struct_site_gen.details 
1  AC1 6 CYS A 4  ? CYS A 4   . ? 1_555 ? 
2  AC1 6 CYS A 5  ? CYS A 5   . ? 1_555 ? 
3  AC1 6 CYS A 16 ? CYS A 16  . ? 1_555 ? 
4  AC1 6 CYS A 20 ? CYS A 20  . ? 1_555 ? 
5  AC1 6 CD  C .  ? CD  A 104 . ? 1_555 ? 
6  AC1 6 CD  D .  ? CD  A 105 . ? 1_555 ? 
7  AC2 5 CYS A 5  ? CYS A 5   . ? 1_555 ? 
8  AC2 5 CYS A 9  ? CYS A 9   . ? 1_555 ? 
9  AC2 5 CYS A 22 ? CYS A 22  . ? 1_555 ? 
10 AC2 5 CYS A 25 ? CYS A 25  . ? 1_555 ? 
11 AC2 5 CD  B .  ? CD  A 103 . ? 1_555 ? 
12 AC3 6 CYS A 11 ? CYS A 11  . ? 1_555 ? 
13 AC3 6 CYS A 16 ? CYS A 16  . ? 1_555 ? 
14 AC3 6 CYS A 20 ? CYS A 20  . ? 1_555 ? 
15 AC3 6 CYS A 25 ? CYS A 25  . ? 1_555 ? 
16 AC3 6 CYS A 27 ? CYS A 27  . ? 1_555 ? 
17 AC3 6 CD  B .  ? CD  A 103 . ? 1_555 ? 
# 
loop_
_pdbx_validate_torsion.id 
_pdbx_validate_torsion.PDB_model_num 
_pdbx_validate_torsion.auth_comp_id 
_pdbx_validate_torsion.auth_asym_id 
_pdbx_validate_torsion.auth_seq_id 
_pdbx_validate_torsion.PDB_ins_code 
_pdbx_validate_torsion.label_alt_id 
_pdbx_validate_torsion.phi 
_pdbx_validate_torsion.psi 
1 1 PRO A 3  ? ? -77.53  -134.37 
2 1 ASP A 7  ? ? -160.20 24.47   
3 1 LYS A 8  ? ? -160.24 119.02  
4 1 GLU A 13 ? ? -126.27 -100.82 
5 1 CYS A 16 ? ? -57.91  -165.81 
6 1 ALA A 18 ? ? -90.07  37.64   
7 1 CYS A 25 ? ? -102.09 -155.45 
8 1 CYS A 27 ? ? -57.98  -74.14  
# 
_pdbx_validate_planes.id              1 
_pdbx_validate_planes.PDB_model_num   1 
_pdbx_validate_planes.auth_comp_id    ARG 
_pdbx_validate_planes.auth_asym_id    A 
_pdbx_validate_planes.auth_seq_id     26 
_pdbx_validate_planes.PDB_ins_code    ? 
_pdbx_validate_planes.label_alt_id    ? 
_pdbx_validate_planes.rmsd            0.315 
_pdbx_validate_planes.type            'SIDE CHAIN' 
# 
_pdbx_nmr_ensemble.entry_id                             1DME 
_pdbx_nmr_ensemble.conformers_calculated_total_number   ? 
_pdbx_nmr_ensemble.conformers_submitted_total_number    1 
_pdbx_nmr_ensemble.conformer_selection_criteria         ? 
# 
_pdbx_nmr_software.classification   refinement 
_pdbx_nmr_software.name             X-PLOR 
_pdbx_nmr_software.version          ? 
_pdbx_nmr_software.authors          BRUNGER 
_pdbx_nmr_software.ordinal          1 
# 
loop_
_chem_comp_atom.comp_id 
_chem_comp_atom.atom_id 
_chem_comp_atom.type_symbol 
_chem_comp_atom.pdbx_aromatic_flag 
_chem_comp_atom.pdbx_stereo_config 
_chem_comp_atom.pdbx_ordinal 
ALA N    N  N N 1   
ALA CA   C  N S 2   
ALA C    C  N N 3   
ALA O    O  N N 4   
ALA CB   C  N N 5   
ALA OXT  O  N N 6   
ALA H    H  N N 7   
ALA H2   H  N N 8   
ALA HA   H  N N 9   
ALA HB1  H  N N 10  
ALA HB2  H  N N 11  
ALA HB3  H  N N 12  
ALA HXT  H  N N 13  
ARG N    N  N N 14  
ARG CA   C  N S 15  
ARG C    C  N N 16  
ARG O    O  N N 17  
ARG CB   C  N N 18  
ARG CG   C  N N 19  
ARG CD   C  N N 20  
ARG NE   N  N N 21  
ARG CZ   C  N N 22  
ARG NH1  N  N N 23  
ARG NH2  N  N N 24  
ARG OXT  O  N N 25  
ARG H    H  N N 26  
ARG H2   H  N N 27  
ARG HA   H  N N 28  
ARG HB2  H  N N 29  
ARG HB3  H  N N 30  
ARG HG2  H  N N 31  
ARG HG3  H  N N 32  
ARG HD2  H  N N 33  
ARG HD3  H  N N 34  
ARG HE   H  N N 35  
ARG HH11 H  N N 36  
ARG HH12 H  N N 37  
ARG HH21 H  N N 38  
ARG HH22 H  N N 39  
ARG HXT  H  N N 40  
ASN N    N  N N 41  
ASN CA   C  N S 42  
ASN C    C  N N 43  
ASN O    O  N N 44  
ASN CB   C  N N 45  
ASN CG   C  N N 46  
ASN OD1  O  N N 47  
ASN ND2  N  N N 48  
ASN OXT  O  N N 49  
ASN H    H  N N 50  
ASN H2   H  N N 51  
ASN HA   H  N N 52  
ASN HB2  H  N N 53  
ASN HB3  H  N N 54  
ASN HD21 H  N N 55  
ASN HD22 H  N N 56  
ASN HXT  H  N N 57  
ASP N    N  N N 58  
ASP CA   C  N S 59  
ASP C    C  N N 60  
ASP O    O  N N 61  
ASP CB   C  N N 62  
ASP CG   C  N N 63  
ASP OD1  O  N N 64  
ASP OD2  O  N N 65  
ASP OXT  O  N N 66  
ASP H    H  N N 67  
ASP H2   H  N N 68  
ASP HA   H  N N 69  
ASP HB2  H  N N 70  
ASP HB3  H  N N 71  
ASP HD2  H  N N 72  
ASP HXT  H  N N 73  
CD  CD   CD N N 74  
CYS N    N  N N 75  
CYS CA   C  N R 76  
CYS C    C  N N 77  
CYS O    O  N N 78  
CYS CB   C  N N 79  
CYS SG   S  N N 80  
CYS OXT  O  N N 81  
CYS H    H  N N 82  
CYS H2   H  N N 83  
CYS HA   H  N N 84  
CYS HB2  H  N N 85  
CYS HB3  H  N N 86  
CYS HG   H  N N 87  
CYS HXT  H  N N 88  
GLN N    N  N N 89  
GLN CA   C  N S 90  
GLN C    C  N N 91  
GLN O    O  N N 92  
GLN CB   C  N N 93  
GLN CG   C  N N 94  
GLN CD   C  N N 95  
GLN OE1  O  N N 96  
GLN NE2  N  N N 97  
GLN OXT  O  N N 98  
GLN H    H  N N 99  
GLN H2   H  N N 100 
GLN HA   H  N N 101 
GLN HB2  H  N N 102 
GLN HB3  H  N N 103 
GLN HG2  H  N N 104 
GLN HG3  H  N N 105 
GLN HE21 H  N N 106 
GLN HE22 H  N N 107 
GLN HXT  H  N N 108 
GLU N    N  N N 109 
GLU CA   C  N S 110 
GLU C    C  N N 111 
GLU O    O  N N 112 
GLU CB   C  N N 113 
GLU CG   C  N N 114 
GLU CD   C  N N 115 
GLU OE1  O  N N 116 
GLU OE2  O  N N 117 
GLU OXT  O  N N 118 
GLU H    H  N N 119 
GLU H2   H  N N 120 
GLU HA   H  N N 121 
GLU HB2  H  N N 122 
GLU HB3  H  N N 123 
GLU HG2  H  N N 124 
GLU HG3  H  N N 125 
GLU HE2  H  N N 126 
GLU HXT  H  N N 127 
GLY N    N  N N 128 
GLY CA   C  N N 129 
GLY C    C  N N 130 
GLY O    O  N N 131 
GLY OXT  O  N N 132 
GLY H    H  N N 133 
GLY H2   H  N N 134 
GLY HA2  H  N N 135 
GLY HA3  H  N N 136 
GLY HXT  H  N N 137 
LYS N    N  N N 138 
LYS CA   C  N S 139 
LYS C    C  N N 140 
LYS O    O  N N 141 
LYS CB   C  N N 142 
LYS CG   C  N N 143 
LYS CD   C  N N 144 
LYS CE   C  N N 145 
LYS NZ   N  N N 146 
LYS OXT  O  N N 147 
LYS H    H  N N 148 
LYS H2   H  N N 149 
LYS HA   H  N N 150 
LYS HB2  H  N N 151 
LYS HB3  H  N N 152 
LYS HG2  H  N N 153 
LYS HG3  H  N N 154 
LYS HD2  H  N N 155 
LYS HD3  H  N N 156 
LYS HE2  H  N N 157 
LYS HE3  H  N N 158 
LYS HZ1  H  N N 159 
LYS HZ2  H  N N 160 
LYS HZ3  H  N N 161 
LYS HXT  H  N N 162 
PRO N    N  N N 163 
PRO CA   C  N S 164 
PRO C    C  N N 165 
PRO O    O  N N 166 
PRO CB   C  N N 167 
PRO CG   C  N N 168 
PRO CD   C  N N 169 
PRO OXT  O  N N 170 
PRO H    H  N N 171 
PRO HA   H  N N 172 
PRO HB2  H  N N 173 
PRO HB3  H  N N 174 
PRO HG2  H  N N 175 
PRO HG3  H  N N 176 
PRO HD2  H  N N 177 
PRO HD3  H  N N 178 
PRO HXT  H  N N 179 
SER N    N  N N 180 
SER CA   C  N S 181 
SER C    C  N N 182 
SER O    O  N N 183 
SER CB   C  N N 184 
SER OG   O  N N 185 
SER OXT  O  N N 186 
SER H    H  N N 187 
SER H2   H  N N 188 
SER HA   H  N N 189 
SER HB2  H  N N 190 
SER HB3  H  N N 191 
SER HG   H  N N 192 
SER HXT  H  N N 193 
THR N    N  N N 194 
THR CA   C  N S 195 
THR C    C  N N 196 
THR O    O  N N 197 
THR CB   C  N R 198 
THR OG1  O  N N 199 
THR CG2  C  N N 200 
THR OXT  O  N N 201 
THR H    H  N N 202 
THR H2   H  N N 203 
THR HA   H  N N 204 
THR HB   H  N N 205 
THR HG1  H  N N 206 
THR HG21 H  N N 207 
THR HG22 H  N N 208 
THR HG23 H  N N 209 
THR HXT  H  N N 210 
VAL N    N  N N 211 
VAL CA   C  N S 212 
VAL C    C  N N 213 
VAL O    O  N N 214 
VAL CB   C  N N 215 
VAL CG1  C  N N 216 
VAL CG2  C  N N 217 
VAL OXT  O  N N 218 
VAL H    H  N N 219 
VAL H2   H  N N 220 
VAL HA   H  N N 221 
VAL HB   H  N N 222 
VAL HG11 H  N N 223 
VAL HG12 H  N N 224 
VAL HG13 H  N N 225 
VAL HG21 H  N N 226 
VAL HG22 H  N N 227 
VAL HG23 H  N N 228 
VAL HXT  H  N N 229 
# 
loop_
_chem_comp_bond.comp_id 
_chem_comp_bond.atom_id_1 
_chem_comp_bond.atom_id_2 
_chem_comp_bond.value_order 
_chem_comp_bond.pdbx_aromatic_flag 
_chem_comp_bond.pdbx_stereo_config 
_chem_comp_bond.pdbx_ordinal 
ALA N   CA   sing N N 1   
ALA N   H    sing N N 2   
ALA N   H2   sing N N 3   
ALA CA  C    sing N N 4   
ALA CA  CB   sing N N 5   
ALA CA  HA   sing N N 6   
ALA C   O    doub N N 7   
ALA C   OXT  sing N N 8   
ALA CB  HB1  sing N N 9   
ALA CB  HB2  sing N N 10  
ALA CB  HB3  sing N N 11  
ALA OXT HXT  sing N N 12  
ARG N   CA   sing N N 13  
ARG N   H    sing N N 14  
ARG N   H2   sing N N 15  
ARG CA  C    sing N N 16  
ARG CA  CB   sing N N 17  
ARG CA  HA   sing N N 18  
ARG C   O    doub N N 19  
ARG C   OXT  sing N N 20  
ARG CB  CG   sing N N 21  
ARG CB  HB2  sing N N 22  
ARG CB  HB3  sing N N 23  
ARG CG  CD   sing N N 24  
ARG CG  HG2  sing N N 25  
ARG CG  HG3  sing N N 26  
ARG CD  NE   sing N N 27  
ARG CD  HD2  sing N N 28  
ARG CD  HD3  sing N N 29  
ARG NE  CZ   sing N N 30  
ARG NE  HE   sing N N 31  
ARG CZ  NH1  sing N N 32  
ARG CZ  NH2  doub N N 33  
ARG NH1 HH11 sing N N 34  
ARG NH1 HH12 sing N N 35  
ARG NH2 HH21 sing N N 36  
ARG NH2 HH22 sing N N 37  
ARG OXT HXT  sing N N 38  
ASN N   CA   sing N N 39  
ASN N   H    sing N N 40  
ASN N   H2   sing N N 41  
ASN CA  C    sing N N 42  
ASN CA  CB   sing N N 43  
ASN CA  HA   sing N N 44  
ASN C   O    doub N N 45  
ASN C   OXT  sing N N 46  
ASN CB  CG   sing N N 47  
ASN CB  HB2  sing N N 48  
ASN CB  HB3  sing N N 49  
ASN CG  OD1  doub N N 50  
ASN CG  ND2  sing N N 51  
ASN ND2 HD21 sing N N 52  
ASN ND2 HD22 sing N N 53  
ASN OXT HXT  sing N N 54  
ASP N   CA   sing N N 55  
ASP N   H    sing N N 56  
ASP N   H2   sing N N 57  
ASP CA  C    sing N N 58  
ASP CA  CB   sing N N 59  
ASP CA  HA   sing N N 60  
ASP C   O    doub N N 61  
ASP C   OXT  sing N N 62  
ASP CB  CG   sing N N 63  
ASP CB  HB2  sing N N 64  
ASP CB  HB3  sing N N 65  
ASP CG  OD1  doub N N 66  
ASP CG  OD2  sing N N 67  
ASP OD2 HD2  sing N N 68  
ASP OXT HXT  sing N N 69  
CYS N   CA   sing N N 70  
CYS N   H    sing N N 71  
CYS N   H2   sing N N 72  
CYS CA  C    sing N N 73  
CYS CA  CB   sing N N 74  
CYS CA  HA   sing N N 75  
CYS C   O    doub N N 76  
CYS C   OXT  sing N N 77  
CYS CB  SG   sing N N 78  
CYS CB  HB2  sing N N 79  
CYS CB  HB3  sing N N 80  
CYS SG  HG   sing N N 81  
CYS OXT HXT  sing N N 82  
GLN N   CA   sing N N 83  
GLN N   H    sing N N 84  
GLN N   H2   sing N N 85  
GLN CA  C    sing N N 86  
GLN CA  CB   sing N N 87  
GLN CA  HA   sing N N 88  
GLN C   O    doub N N 89  
GLN C   OXT  sing N N 90  
GLN CB  CG   sing N N 91  
GLN CB  HB2  sing N N 92  
GLN CB  HB3  sing N N 93  
GLN CG  CD   sing N N 94  
GLN CG  HG2  sing N N 95  
GLN CG  HG3  sing N N 96  
GLN CD  OE1  doub N N 97  
GLN CD  NE2  sing N N 98  
GLN NE2 HE21 sing N N 99  
GLN NE2 HE22 sing N N 100 
GLN OXT HXT  sing N N 101 
GLU N   CA   sing N N 102 
GLU N   H    sing N N 103 
GLU N   H2   sing N N 104 
GLU CA  C    sing N N 105 
GLU CA  CB   sing N N 106 
GLU CA  HA   sing N N 107 
GLU C   O    doub N N 108 
GLU C   OXT  sing N N 109 
GLU CB  CG   sing N N 110 
GLU CB  HB2  sing N N 111 
GLU CB  HB3  sing N N 112 
GLU CG  CD   sing N N 113 
GLU CG  HG2  sing N N 114 
GLU CG  HG3  sing N N 115 
GLU CD  OE1  doub N N 116 
GLU CD  OE2  sing N N 117 
GLU OE2 HE2  sing N N 118 
GLU OXT HXT  sing N N 119 
GLY N   CA   sing N N 120 
GLY N   H    sing N N 121 
GLY N   H2   sing N N 122 
GLY CA  C    sing N N 123 
GLY CA  HA2  sing N N 124 
GLY CA  HA3  sing N N 125 
GLY C   O    doub N N 126 
GLY C   OXT  sing N N 127 
GLY OXT HXT  sing N N 128 
LYS N   CA   sing N N 129 
LYS N   H    sing N N 130 
LYS N   H2   sing N N 131 
LYS CA  C    sing N N 132 
LYS CA  CB   sing N N 133 
LYS CA  HA   sing N N 134 
LYS C   O    doub N N 135 
LYS C   OXT  sing N N 136 
LYS CB  CG   sing N N 137 
LYS CB  HB2  sing N N 138 
LYS CB  HB3  sing N N 139 
LYS CG  CD   sing N N 140 
LYS CG  HG2  sing N N 141 
LYS CG  HG3  sing N N 142 
LYS CD  CE   sing N N 143 
LYS CD  HD2  sing N N 144 
LYS CD  HD3  sing N N 145 
LYS CE  NZ   sing N N 146 
LYS CE  HE2  sing N N 147 
LYS CE  HE3  sing N N 148 
LYS NZ  HZ1  sing N N 149 
LYS NZ  HZ2  sing N N 150 
LYS NZ  HZ3  sing N N 151 
LYS OXT HXT  sing N N 152 
PRO N   CA   sing N N 153 
PRO N   CD   sing N N 154 
PRO N   H    sing N N 155 
PRO CA  C    sing N N 156 
PRO CA  CB   sing N N 157 
PRO CA  HA   sing N N 158 
PRO C   O    doub N N 159 
PRO C   OXT  sing N N 160 
PRO CB  CG   sing N N 161 
PRO CB  HB2  sing N N 162 
PRO CB  HB3  sing N N 163 
PRO CG  CD   sing N N 164 
PRO CG  HG2  sing N N 165 
PRO CG  HG3  sing N N 166 
PRO CD  HD2  sing N N 167 
PRO CD  HD3  sing N N 168 
PRO OXT HXT  sing N N 169 
SER N   CA   sing N N 170 
SER N   H    sing N N 171 
SER N   H2   sing N N 172 
SER CA  C    sing N N 173 
SER CA  CB   sing N N 174 
SER CA  HA   sing N N 175 
SER C   O    doub N N 176 
SER C   OXT  sing N N 177 
SER CB  OG   sing N N 178 
SER CB  HB2  sing N N 179 
SER CB  HB3  sing N N 180 
SER OG  HG   sing N N 181 
SER OXT HXT  sing N N 182 
THR N   CA   sing N N 183 
THR N   H    sing N N 184 
THR N   H2   sing N N 185 
THR CA  C    sing N N 186 
THR CA  CB   sing N N 187 
THR CA  HA   sing N N 188 
THR C   O    doub N N 189 
THR C   OXT  sing N N 190 
THR CB  OG1  sing N N 191 
THR CB  CG2  sing N N 192 
THR CB  HB   sing N N 193 
THR OG1 HG1  sing N N 194 
THR CG2 HG21 sing N N 195 
THR CG2 HG22 sing N N 196 
THR CG2 HG23 sing N N 197 
THR OXT HXT  sing N N 198 
VAL N   CA   sing N N 199 
VAL N   H    sing N N 200 
VAL N   H2   sing N N 201 
VAL CA  C    sing N N 202 
VAL CA  CB   sing N N 203 
VAL CA  HA   sing N N 204 
VAL C   O    doub N N 205 
VAL C   OXT  sing N N 206 
VAL CB  CG1  sing N N 207 
VAL CB  CG2  sing N N 208 
VAL CB  HB   sing N N 209 
VAL CG1 HG11 sing N N 210 
VAL CG1 HG12 sing N N 211 
VAL CG1 HG13 sing N N 212 
VAL CG2 HG21 sing N N 213 
VAL CG2 HG22 sing N N 214 
VAL CG2 HG23 sing N N 215 
VAL OXT HXT  sing N N 216 
# 
_atom_sites.entry_id                    1DME 
_atom_sites.fract_transf_matrix[1][1]   1.000000 
_atom_sites.fract_transf_matrix[1][2]   0.000000 
_atom_sites.fract_transf_matrix[1][3]   0.000000 
_atom_sites.fract_transf_matrix[2][1]   0.000000 
_atom_sites.fract_transf_matrix[2][2]   1.000000 
_atom_sites.fract_transf_matrix[2][3]   0.000000 
_atom_sites.fract_transf_matrix[3][1]   0.000000 
_atom_sites.fract_transf_matrix[3][2]   0.000000 
_atom_sites.fract_transf_matrix[3][3]   1.000000 
_atom_sites.fract_transf_vector[1]      0.00000 
_atom_sites.fract_transf_vector[2]      0.00000 
_atom_sites.fract_transf_vector[3]      0.00000 
# 
loop_
_atom_type.symbol 
C  
CD 
H  
N  
O  
S  
# 
loop_
_atom_site.group_PDB 
_atom_site.id 
_atom_site.type_symbol 
_atom_site.label_atom_id 
_atom_site.label_alt_id 
_atom_site.label_comp_id 
_atom_site.label_asym_id 
_atom_site.label_entity_id 
_atom_site.label_seq_id 
_atom_site.pdbx_PDB_ins_code 
_atom_site.Cartn_x 
_atom_site.Cartn_y 
_atom_site.Cartn_z 
_atom_site.occupancy 
_atom_site.B_iso_or_equiv 
_atom_site.pdbx_formal_charge 
_atom_site.auth_seq_id 
_atom_site.auth_comp_id 
_atom_site.auth_asym_id 
_atom_site.auth_atom_id 
_atom_site.pdbx_PDB_model_num 
ATOM   1   N  N    . PRO A 1 1  ? 2.197  2.886   13.632  1.00 0.00 ? 1   PRO A N    1 
ATOM   2   C  CA   . PRO A 1 1  ? 2.459  3.941   12.605  1.00 0.00 ? 1   PRO A CA   1 
ATOM   3   C  C    . PRO A 1 1  ? 1.543  3.727   11.398  1.00 0.00 ? 1   PRO A C    1 
ATOM   4   O  O    . PRO A 1 1  ? 0.912  2.697   11.261  1.00 0.00 ? 1   PRO A O    1 
ATOM   5   C  CB   . PRO A 1 1  ? 3.920  3.831   12.171  1.00 0.00 ? 1   PRO A CB   1 
ATOM   6   C  CG   . PRO A 1 1  ? 4.542  2.683   12.956  1.00 0.00 ? 1   PRO A CG   1 
ATOM   7   C  CD   . PRO A 1 1  ? 3.465  2.137   13.891  1.00 0.00 ? 1   PRO A CD   1 
ATOM   8   H  H2   . PRO A 1 1  ? 1.474  2.227   13.278  1.00 0.00 ? 1   PRO A H2   1 
ATOM   9   H  H3   . PRO A 1 1  ? 1.865  3.330   14.513  1.00 0.00 ? 1   PRO A H3   1 
ATOM   10  H  HA   . PRO A 1 1  ? 2.281  4.916   13.032  1.00 0.00 ? 1   PRO A HA   1 
ATOM   11  H  HB2  . PRO A 1 1  ? 3.973  3.624   11.110  1.00 0.00 ? 1   PRO A HB2  1 
ATOM   12  H  HB3  . PRO A 1 1  ? 4.443  4.748   12.394  1.00 0.00 ? 1   PRO A HB3  1 
ATOM   13  H  HG2  . PRO A 1 1  ? 4.870  1.909   12.278  1.00 0.00 ? 1   PRO A HG2  1 
ATOM   14  H  HG3  . PRO A 1 1  ? 5.377  3.044   13.537  1.00 0.00 ? 1   PRO A HG3  1 
ATOM   15  H  HD2  . PRO A 1 1  ? 3.315  1.085   13.699  1.00 0.00 ? 1   PRO A HD2  1 
ATOM   16  H  HD3  . PRO A 1 1  ? 3.766  2.281   14.918  1.00 0.00 ? 1   PRO A HD3  1 
ATOM   17  N  N    . GLY A 1 2  ? 1.466  4.691   10.520  1.00 0.00 ? 2   GLY A N    1 
ATOM   18  C  CA   . GLY A 1 2  ? 0.592  4.540   9.322   1.00 0.00 ? 2   GLY A CA   1 
ATOM   19  C  C    . GLY A 1 2  ? 1.391  3.880   8.190   1.00 0.00 ? 2   GLY A C    1 
ATOM   20  O  O    . GLY A 1 2  ? 2.467  4.333   7.855   1.00 0.00 ? 2   GLY A O    1 
ATOM   21  H  H    . GLY A 1 2  ? 1.985  5.513   10.648  1.00 0.00 ? 2   GLY A H    1 
ATOM   22  H  HA2  . GLY A 1 2  ? -0.261 3.932   9.578   1.00 0.00 ? 2   GLY A HA2  1 
ATOM   23  H  HA3  . GLY A 1 2  ? 0.255  5.514   8.999   1.00 0.00 ? 2   GLY A HA3  1 
ATOM   24  N  N    . PRO A 1 3  ? 0.843  2.827   7.633   1.00 0.00 ? 3   PRO A N    1 
ATOM   25  C  CA   . PRO A 1 3  ? 1.493  2.086   6.535   1.00 0.00 ? 3   PRO A CA   1 
ATOM   26  C  C    . PRO A 1 3  ? 1.320  2.860   5.213   1.00 0.00 ? 3   PRO A C    1 
ATOM   27  O  O    . PRO A 1 3  ? 1.521  4.058   5.170   1.00 0.00 ? 3   PRO A O    1 
ATOM   28  C  CB   . PRO A 1 3  ? 0.754  0.736   6.542   1.00 0.00 ? 3   PRO A CB   1 
ATOM   29  C  CG   . PRO A 1 3  ? -0.613 0.988   7.218   1.00 0.00 ? 3   PRO A CG   1 
ATOM   30  C  CD   . PRO A 1 3  ? -0.466 2.280   8.041   1.00 0.00 ? 3   PRO A CD   1 
ATOM   31  H  HA   . PRO A 1 3  ? 2.539  1.935   6.750   1.00 0.00 ? 3   PRO A HA   1 
ATOM   32  H  HB2  . PRO A 1 3  ? 0.614  0.372   5.539   1.00 0.00 ? 3   PRO A HB2  1 
ATOM   33  H  HB3  . PRO A 1 3  ? 1.311  0.016   7.120   1.00 0.00 ? 3   PRO A HB3  1 
ATOM   34  H  HG2  . PRO A 1 3  ? -1.381 1.110   6.465   1.00 0.00 ? 3   PRO A HG2  1 
ATOM   35  H  HG3  . PRO A 1 3  ? -0.860 0.166   7.871   1.00 0.00 ? 3   PRO A HG3  1 
ATOM   36  H  HD2  . PRO A 1 3  ? -1.261 2.973   7.798   1.00 0.00 ? 3   PRO A HD2  1 
ATOM   37  H  HD3  . PRO A 1 3  ? -0.465 2.058   9.096   1.00 0.00 ? 3   PRO A HD3  1 
ATOM   38  N  N    . CYS A 1 4  ? 0.956  2.210   4.137   1.00 0.00 ? 4   CYS A N    1 
ATOM   39  C  CA   . CYS A 1 4  ? 0.789  2.952   2.853   1.00 0.00 ? 4   CYS A CA   1 
ATOM   40  C  C    . CYS A 1 4  ? -0.693 3.025   2.476   1.00 0.00 ? 4   CYS A C    1 
ATOM   41  O  O    . CYS A 1 4  ? -1.251 4.091   2.306   1.00 0.00 ? 4   CYS A O    1 
ATOM   42  C  CB   . CYS A 1 4  ? 1.536  2.237   1.718   1.00 0.00 ? 4   CYS A CB   1 
ATOM   43  S  SG   . CYS A 1 4  ? 1.439  0.442   1.928   1.00 0.00 ? 4   CYS A SG   1 
ATOM   44  H  H    . CYS A 1 4  ? 0.796  1.251   4.170   1.00 0.00 ? 4   CYS A H    1 
ATOM   45  H  HA   . CYS A 1 4  ? 1.181  3.952   2.964   1.00 0.00 ? 4   CYS A HA   1 
ATOM   46  H  HB2  . CYS A 1 4  ? 1.072  2.504   0.785   1.00 0.00 ? 4   CYS A HB2  1 
ATOM   47  H  HB3  . CYS A 1 4  ? 2.571  2.540   1.701   1.00 0.00 ? 4   CYS A HB3  1 
ATOM   48  N  N    . CYS A 1 5  ? -1.321 1.895   2.306   1.00 0.00 ? 5   CYS A N    1 
ATOM   49  C  CA   . CYS A 1 5  ? -2.746 1.876   1.896   1.00 0.00 ? 5   CYS A CA   1 
ATOM   50  C  C    . CYS A 1 5  ? -3.677 1.946   3.102   1.00 0.00 ? 5   CYS A C    1 
ATOM   51  O  O    . CYS A 1 5  ? -4.525 1.095   3.294   1.00 0.00 ? 5   CYS A O    1 
ATOM   52  C  CB   . CYS A 1 5  ? -3.015 0.595   1.117   1.00 0.00 ? 5   CYS A CB   1 
ATOM   53  S  SG   . CYS A 1 5  ? -2.042 0.634   -0.405  1.00 0.00 ? 5   CYS A SG   1 
ATOM   54  H  H    . CYS A 1 5  ? -0.845 1.057   2.418   1.00 0.00 ? 5   CYS A H    1 
ATOM   55  H  HA   . CYS A 1 5  ? -2.939 2.722   1.254   1.00 0.00 ? 5   CYS A HA   1 
ATOM   56  H  HB2  . CYS A 1 5  ? -2.723 -0.253  1.718   1.00 0.00 ? 5   CYS A HB2  1 
ATOM   57  H  HB3  . CYS A 1 5  ? -4.066 0.528   0.875   1.00 0.00 ? 5   CYS A HB3  1 
ATOM   58  N  N    . ASN A 1 6  ? -3.577 2.985   3.875   1.00 0.00 ? 6   ASN A N    1 
ATOM   59  C  CA   . ASN A 1 6  ? -4.511 3.140   5.016   1.00 0.00 ? 6   ASN A CA   1 
ATOM   60  C  C    . ASN A 1 6  ? -5.715 3.887   4.456   1.00 0.00 ? 6   ASN A C    1 
ATOM   61  O  O    . ASN A 1 6  ? -6.822 3.801   4.949   1.00 0.00 ? 6   ASN A O    1 
ATOM   62  C  CB   . ASN A 1 6  ? -3.853 3.958   6.129   1.00 0.00 ? 6   ASN A CB   1 
ATOM   63  C  CG   . ASN A 1 6  ? -4.832 4.115   7.293   1.00 0.00 ? 6   ASN A CG   1 
ATOM   64  O  OD1  . ASN A 1 6  ? -5.158 5.218   7.683   1.00 0.00 ? 6   ASN A OD1  1 
ATOM   65  N  ND2  . ASN A 1 6  ? -5.318 3.049   7.865   1.00 0.00 ? 6   ASN A ND2  1 
ATOM   66  H  H    . ASN A 1 6  ? -2.924 3.686   3.675   1.00 0.00 ? 6   ASN A H    1 
ATOM   67  H  HA   . ASN A 1 6  ? -4.814 2.170   5.387   1.00 0.00 ? 6   ASN A HA   1 
ATOM   68  H  HB2  . ASN A 1 6  ? -2.963 3.449   6.472   1.00 0.00 ? 6   ASN A HB2  1 
ATOM   69  H  HB3  . ASN A 1 6  ? -3.587 4.934   5.750   1.00 0.00 ? 6   ASN A HB3  1 
ATOM   70  H  HD21 . ASN A 1 6  ? -5.055 2.159   7.550   1.00 0.00 ? 6   ASN A HD21 1 
ATOM   71  H  HD22 . ASN A 1 6  ? -5.949 3.137   8.611   1.00 0.00 ? 6   ASN A HD22 1 
ATOM   72  N  N    . ASP A 1 7  ? -5.483 4.598   3.384   1.00 0.00 ? 7   ASP A N    1 
ATOM   73  C  CA   . ASP A 1 7  ? -6.557 5.349   2.698   1.00 0.00 ? 7   ASP A CA   1 
ATOM   74  C  C    . ASP A 1 7  ? -6.081 5.635   1.270   1.00 0.00 ? 7   ASP A C    1 
ATOM   75  O  O    . ASP A 1 7  ? -6.512 6.582   0.642   1.00 0.00 ? 7   ASP A O    1 
ATOM   76  C  CB   . ASP A 1 7  ? -6.821 6.668   3.431   1.00 0.00 ? 7   ASP A CB   1 
ATOM   77  C  CG   . ASP A 1 7  ? -7.333 6.378   4.841   1.00 0.00 ? 7   ASP A CG   1 
ATOM   78  O  OD1  . ASP A 1 7  ? -8.516 6.115   4.979   1.00 0.00 ? 7   ASP A OD1  1 
ATOM   79  O  OD2  . ASP A 1 7  ? -6.534 6.425   5.762   1.00 0.00 ? 7   ASP A OD2  1 
ATOM   80  H  H    . ASP A 1 7  ? -4.579 4.621   3.011   1.00 0.00 ? 7   ASP A H    1 
ATOM   81  H  HA   . ASP A 1 7  ? -7.459 4.754   2.672   1.00 0.00 ? 7   ASP A HA   1 
ATOM   82  H  HB2  . ASP A 1 7  ? -5.905 7.235   3.489   1.00 0.00 ? 7   ASP A HB2  1 
ATOM   83  H  HB3  . ASP A 1 7  ? -7.563 7.236   2.891   1.00 0.00 ? 7   ASP A HB3  1 
ATOM   84  N  N    . LYS A 1 8  ? -5.174 4.830   0.754   1.00 0.00 ? 8   LYS A N    1 
ATOM   85  C  CA   . LYS A 1 8  ? -4.664 5.082   -0.625  1.00 0.00 ? 8   LYS A CA   1 
ATOM   86  C  C    . LYS A 1 8  ? -4.018 3.826   -1.227  1.00 0.00 ? 8   LYS A C    1 
ATOM   87  O  O    . LYS A 1 8  ? -3.011 3.346   -0.748  1.00 0.00 ? 8   LYS A O    1 
ATOM   88  C  CB   . LYS A 1 8  ? -3.615 6.219   -0.579  1.00 0.00 ? 8   LYS A CB   1 
ATOM   89  C  CG   . LYS A 1 8  ? -2.188 5.670   -0.320  1.00 0.00 ? 8   LYS A CG   1 
ATOM   90  C  CD   . LYS A 1 8  ? -1.293 6.807   0.180   1.00 0.00 ? 8   LYS A CD   1 
ATOM   91  C  CE   . LYS A 1 8  ? -1.361 7.980   -0.799  1.00 0.00 ? 8   LYS A CE   1 
ATOM   92  N  NZ   . LYS A 1 8  ? -0.756 9.188   -0.170  1.00 0.00 ? 8   LYS A NZ   1 
ATOM   93  H  H    . LYS A 1 8  ? -4.827 4.078   1.277   1.00 0.00 ? 8   LYS A H    1 
ATOM   94  H  HA   . LYS A 1 8  ? -5.486 5.391   -1.255  1.00 0.00 ? 8   LYS A HA   1 
ATOM   95  H  HB2  . LYS A 1 8  ? -3.623 6.744   -1.523  1.00 0.00 ? 8   LYS A HB2  1 
ATOM   96  H  HB3  . LYS A 1 8  ? -3.876 6.907   0.210   1.00 0.00 ? 8   LYS A HB3  1 
ATOM   97  H  HG2  . LYS A 1 8  ? -2.220 4.884   0.426   1.00 0.00 ? 8   LYS A HG2  1 
ATOM   98  H  HG3  . LYS A 1 8  ? -1.773 5.270   -1.239  1.00 0.00 ? 8   LYS A HG3  1 
ATOM   99  H  HD2  . LYS A 1 8  ? -1.631 7.130   1.155   1.00 0.00 ? 8   LYS A HD2  1 
ATOM   100 H  HD3  . LYS A 1 8  ? -0.273 6.459   0.250   1.00 0.00 ? 8   LYS A HD3  1 
ATOM   101 H  HE2  . LYS A 1 8  ? -0.817 7.731   -1.698  1.00 0.00 ? 8   LYS A HE2  1 
ATOM   102 H  HE3  . LYS A 1 8  ? -2.393 8.183   -1.047  1.00 0.00 ? 8   LYS A HE3  1 
ATOM   103 H  HZ1  . LYS A 1 8  ? -0.039 8.896   0.524   1.00 0.00 ? 8   LYS A HZ1  1 
ATOM   104 H  HZ2  . LYS A 1 8  ? -0.310 9.775   -0.905  1.00 0.00 ? 8   LYS A HZ2  1 
ATOM   105 H  HZ3  . LYS A 1 8  ? -1.496 9.737   0.310   1.00 0.00 ? 8   LYS A HZ3  1 
ATOM   106 N  N    . CYS A 1 9  ? -4.532 3.323   -2.318  1.00 0.00 ? 9   CYS A N    1 
ATOM   107 C  CA   . CYS A 1 9  ? -3.845 2.169   -2.949  1.00 0.00 ? 9   CYS A CA   1 
ATOM   108 C  C    . CYS A 1 9  ? -2.771 2.780   -3.837  1.00 0.00 ? 9   CYS A C    1 
ATOM   109 O  O    . CYS A 1 9  ? -3.052 3.366   -4.863  1.00 0.00 ? 9   CYS A O    1 
ATOM   110 C  CB   . CYS A 1 9  ? -4.781 1.316   -3.789  1.00 0.00 ? 9   CYS A CB   1 
ATOM   111 S  SG   . CYS A 1 9  ? -3.894 -0.207  -4.207  1.00 0.00 ? 9   CYS A SG   1 
ATOM   112 H  H    . CYS A 1 9  ? -5.313 3.737   -2.744  1.00 0.00 ? 9   CYS A H    1 
ATOM   113 H  HA   . CYS A 1 9  ? -3.385 1.557   -2.184  1.00 0.00 ? 9   CYS A HA   1 
ATOM   114 H  HB2  . CYS A 1 9  ? -5.673 1.082   -3.223  1.00 0.00 ? 9   CYS A HB2  1 
ATOM   115 H  HB3  . CYS A 1 9  ? -5.047 1.841   -4.693  1.00 0.00 ? 9   CYS A HB3  1 
ATOM   116 N  N    . VAL A 1 10 ? -1.554 2.699   -3.415  1.00 0.00 ? 10  VAL A N    1 
ATOM   117 C  CA   . VAL A 1 10 ? -0.442 3.326   -4.180  1.00 0.00 ? 10  VAL A CA   1 
ATOM   118 C  C    . VAL A 1 10 ? 0.437  2.262   -4.799  1.00 0.00 ? 10  VAL A C    1 
ATOM   119 O  O    . VAL A 1 10 ? 1.626  2.451   -4.968  1.00 0.00 ? 10  VAL A O    1 
ATOM   120 C  CB   . VAL A 1 10 ? 0.389  4.172   -3.226  1.00 0.00 ? 10  VAL A CB   1 
ATOM   121 C  CG1  . VAL A 1 10 ? -0.133 5.607   -3.231  1.00 0.00 ? 10  VAL A CG1  1 
ATOM   122 C  CG2  . VAL A 1 10 ? 0.298  3.610   -1.801  1.00 0.00 ? 10  VAL A CG2  1 
ATOM   123 H  H    . VAL A 1 10 ? -1.368 2.250   -2.568  1.00 0.00 ? 10  VAL A H    1 
ATOM   124 H  HA   . VAL A 1 10 ? -0.823 3.961   -4.963  1.00 0.00 ? 10  VAL A HA   1 
ATOM   125 H  HB   . VAL A 1 10 ? 1.403  4.154   -3.560  1.00 0.00 ? 10  VAL A HB   1 
ATOM   126 H  HG11 . VAL A 1 10 ? -1.158 5.614   -3.567  1.00 0.00 ? 10  VAL A HG11 1 
ATOM   127 H  HG12 . VAL A 1 10 ? -0.079 6.012   -2.230  1.00 0.00 ? 10  VAL A HG12 1 
ATOM   128 H  HG13 . VAL A 1 10 ? 0.470  6.207   -3.896  1.00 0.00 ? 10  VAL A HG13 1 
ATOM   129 H  HG21 . VAL A 1 10 ? 0.510  2.555   -1.817  1.00 0.00 ? 10  VAL A HG21 1 
ATOM   130 H  HG22 . VAL A 1 10 ? 1.008  4.112   -1.163  1.00 0.00 ? 10  VAL A HG22 1 
ATOM   131 H  HG23 . VAL A 1 10 ? -0.699 3.766   -1.417  1.00 0.00 ? 10  VAL A HG23 1 
ATOM   132 N  N    . CYS A 1 11 ? -0.113 1.140   -5.133  1.00 0.00 ? 11  CYS A N    1 
ATOM   133 C  CA   . CYS A 1 11 ? 0.725  0.095   -5.726  1.00 0.00 ? 11  CYS A CA   1 
ATOM   134 C  C    . CYS A 1 11 ? 0.789  0.324   -7.227  1.00 0.00 ? 11  CYS A C    1 
ATOM   135 O  O    . CYS A 1 11 ? 1.795  0.097   -7.867  1.00 0.00 ? 11  CYS A O    1 
ATOM   136 C  CB   . CYS A 1 11 ? 0.085  -1.237  -5.437  1.00 0.00 ? 11  CYS A CB   1 
ATOM   137 S  SG   . CYS A 1 11 ? 1.400  -2.418  -5.105  1.00 0.00 ? 11  CYS A SG   1 
ATOM   138 H  H    . CYS A 1 11 ? -1.073 0.977   -4.985  1.00 0.00 ? 11  CYS A H    1 
ATOM   139 H  HA   . CYS A 1 11 ? 1.717  0.128   -5.301  1.00 0.00 ? 11  CYS A HA   1 
ATOM   140 H  HB2  . CYS A 1 11 ? -0.541 -1.141  -4.558  1.00 0.00 ? 11  CYS A HB2  1 
ATOM   141 H  HB3  . CYS A 1 11 ? -0.523 -1.553  -6.268  1.00 0.00 ? 11  CYS A HB3  1 
ATOM   142 N  N    . GLN A 1 12 ? -0.293 0.777   -7.789  1.00 0.00 ? 12  GLN A N    1 
ATOM   143 C  CA   . GLN A 1 12 ? -0.322 1.031   -9.250  1.00 0.00 ? 12  GLN A CA   1 
ATOM   144 C  C    . GLN A 1 12 ? 0.867  1.888   -9.649  1.00 0.00 ? 12  GLN A C    1 
ATOM   145 O  O    . GLN A 1 12 ? 1.278  1.907   -10.792 1.00 0.00 ? 12  GLN A O    1 
ATOM   146 C  CB   . GLN A 1 12 ? -1.623 1.743   -9.627  1.00 0.00 ? 12  GLN A CB   1 
ATOM   147 C  CG   . GLN A 1 12 ? -2.571 0.748   -10.298 1.00 0.00 ? 12  GLN A CG   1 
ATOM   148 C  CD   . GLN A 1 12 ? -3.796 1.491   -10.831 1.00 0.00 ? 12  GLN A CD   1 
ATOM   149 O  OE1  . GLN A 1 12 ? -4.255 1.225   -11.924 1.00 0.00 ? 12  GLN A OE1  1 
ATOM   150 N  NE2  . GLN A 1 12 ? -4.350 2.418   -10.100 1.00 0.00 ? 12  GLN A NE2  1 
ATOM   151 H  H    . GLN A 1 12 ? -1.090 0.947   -7.245  1.00 0.00 ? 12  GLN A H    1 
ATOM   152 H  HA   . GLN A 1 12 ? -0.259 0.103   -9.761  1.00 0.00 ? 12  GLN A HA   1 
ATOM   153 H  HB2  . GLN A 1 12 ? -2.087 2.139   -8.736  1.00 0.00 ? 12  GLN A HB2  1 
ATOM   154 H  HB3  . GLN A 1 12 ? -1.407 2.550   -10.312 1.00 0.00 ? 12  GLN A HB3  1 
ATOM   155 H  HG2  . GLN A 1 12 ? -2.060 0.259   -11.116 1.00 0.00 ? 12  GLN A HG2  1 
ATOM   156 H  HG3  . GLN A 1 12 ? -2.885 0.008   -9.578  1.00 0.00 ? 12  GLN A HG3  1 
ATOM   157 H  HE21 . GLN A 1 12 ? -3.980 2.633   -9.218  1.00 0.00 ? 12  GLN A HE21 1 
ATOM   158 H  HE22 . GLN A 1 12 ? -5.135 2.900   -10.432 1.00 0.00 ? 12  GLN A HE22 1 
ATOM   159 N  N    . GLU A 1 13 ? 1.424  2.590   -8.718  1.00 0.00 ? 13  GLU A N    1 
ATOM   160 C  CA   . GLU A 1 13 ? 2.596  3.444   -9.046  1.00 0.00 ? 13  GLU A CA   1 
ATOM   161 C  C    . GLU A 1 13 ? 3.754  3.104   -8.103  1.00 0.00 ? 13  GLU A C    1 
ATOM   162 O  O    . GLU A 1 13 ? 4.447  2.123   -8.284  1.00 0.00 ? 13  GLU A O    1 
ATOM   163 C  CB   . GLU A 1 13 ? 2.206  4.918   -8.897  1.00 0.00 ? 13  GLU A CB   1 
ATOM   164 C  CG   . GLU A 1 13 ? 1.177  5.062   -7.774  1.00 0.00 ? 13  GLU A CG   1 
ATOM   165 C  CD   . GLU A 1 13 ? -0.226 4.814   -8.334  1.00 0.00 ? 13  GLU A CD   1 
ATOM   166 O  OE1  . GLU A 1 13 ? -0.685 5.636   -9.110  1.00 0.00 ? 13  GLU A OE1  1 
ATOM   167 O  OE2  . GLU A 1 13 ? -0.815 3.808   -7.978  1.00 0.00 ? 13  GLU A OE2  1 
ATOM   168 H  H    . GLU A 1 13 ? 1.073  2.554   -7.802  1.00 0.00 ? 13  GLU A H    1 
ATOM   169 H  HA   . GLU A 1 13 ? 2.900  3.257   -10.066 1.00 0.00 ? 13  GLU A HA   1 
ATOM   170 H  HB2  . GLU A 1 13 ? 3.085  5.499   -8.659  1.00 0.00 ? 13  GLU A HB2  1 
ATOM   171 H  HB3  . GLU A 1 13 ? 1.779  5.273   -9.822  1.00 0.00 ? 13  GLU A HB3  1 
ATOM   172 H  HG2  . GLU A 1 13 ? 1.388  4.340   -6.999  1.00 0.00 ? 13  GLU A HG2  1 
ATOM   173 H  HG3  . GLU A 1 13 ? 1.228  6.058   -7.362  1.00 0.00 ? 13  GLU A HG3  1 
ATOM   174 N  N    . GLY A 1 14 ? 3.966  3.904   -7.097  1.00 0.00 ? 14  GLY A N    1 
ATOM   175 C  CA   . GLY A 1 14 ? 5.073  3.630   -6.137  1.00 0.00 ? 14  GLY A CA   1 
ATOM   176 C  C    . GLY A 1 14 ? 4.806  4.405   -4.852  1.00 0.00 ? 14  GLY A C    1 
ATOM   177 O  O    . GLY A 1 14 ? 5.714  4.846   -4.175  1.00 0.00 ? 14  GLY A O    1 
ATOM   178 H  H    . GLY A 1 14 ? 3.390  4.683   -6.964  1.00 0.00 ? 14  GLY A H    1 
ATOM   179 H  HA2  . GLY A 1 14 ? 5.115  2.571   -5.926  1.00 0.00 ? 14  GLY A HA2  1 
ATOM   180 H  HA3  . GLY A 1 14 ? 6.011  3.954   -6.563  1.00 0.00 ? 14  GLY A HA3  1 
ATOM   181 N  N    . GLY A 1 15 ? 3.560  4.594   -4.525  1.00 0.00 ? 15  GLY A N    1 
ATOM   182 C  CA   . GLY A 1 15 ? 3.218  5.367   -3.298  1.00 0.00 ? 15  GLY A CA   1 
ATOM   183 C  C    . GLY A 1 15 ? 3.092  4.434   -2.089  1.00 0.00 ? 15  GLY A C    1 
ATOM   184 O  O    . GLY A 1 15 ? 2.995  4.879   -0.963  1.00 0.00 ? 15  GLY A O    1 
ATOM   185 H  H    . GLY A 1 15 ? 2.843  4.242   -5.101  1.00 0.00 ? 15  GLY A H    1 
ATOM   186 H  HA2  . GLY A 1 15 ? 3.979  6.101   -3.113  1.00 0.00 ? 15  GLY A HA2  1 
ATOM   187 H  HA3  . GLY A 1 15 ? 2.267  5.864   -3.455  1.00 0.00 ? 15  GLY A HA3  1 
ATOM   188 N  N    . CYS A 1 16 ? 3.060  3.145   -2.306  1.00 0.00 ? 16  CYS A N    1 
ATOM   189 C  CA   . CYS A 1 16 ? 2.905  2.207   -1.184  1.00 0.00 ? 16  CYS A CA   1 
ATOM   190 C  C    . CYS A 1 16 ? 4.032  2.399   -0.163  1.00 0.00 ? 16  CYS A C    1 
ATOM   191 O  O    . CYS A 1 16 ? 4.746  3.382   -0.179  1.00 0.00 ? 16  CYS A O    1 
ATOM   192 C  CB   . CYS A 1 16 ? 2.962  0.791   -1.747  1.00 0.00 ? 16  CYS A CB   1 
ATOM   193 S  SG   . CYS A 1 16 ? 1.293  0.230   -2.164  1.00 0.00 ? 16  CYS A SG   1 
ATOM   194 H  H    . CYS A 1 16 ? 3.121  2.786   -3.209  1.00 0.00 ? 16  CYS A H    1 
ATOM   195 H  HA   . CYS A 1 16 ? 1.945  2.371   -0.709  1.00 0.00 ? 16  CYS A HA   1 
ATOM   196 H  HB2  . CYS A 1 16 ? 3.579  0.781   -2.633  1.00 0.00 ? 16  CYS A HB2  1 
ATOM   197 H  HB3  . CYS A 1 16 ? 3.386  0.157   -1.015  1.00 0.00 ? 16  CYS A HB3  1 
ATOM   198 N  N    . LYS A 1 17 ? 4.184  1.457   0.729   1.00 0.00 ? 17  LYS A N    1 
ATOM   199 C  CA   . LYS A 1 17 ? 5.252  1.559   1.767   1.00 0.00 ? 17  LYS A CA   1 
ATOM   200 C  C    . LYS A 1 17 ? 5.674  0.151   2.206   1.00 0.00 ? 17  LYS A C    1 
ATOM   201 O  O    . LYS A 1 17 ? 5.340  -0.833  1.576   1.00 0.00 ? 17  LYS A O    1 
ATOM   202 C  CB   . LYS A 1 17 ? 4.714  2.331   2.974   1.00 0.00 ? 17  LYS A CB   1 
ATOM   203 C  CG   . LYS A 1 17 ? 4.851  3.835   2.724   1.00 0.00 ? 17  LYS A CG   1 
ATOM   204 C  CD   . LYS A 1 17 ? 6.305  4.166   2.385   1.00 0.00 ? 17  LYS A CD   1 
ATOM   205 C  CE   . LYS A 1 17 ? 6.804  5.278   3.308   1.00 0.00 ? 17  LYS A CE   1 
ATOM   206 N  NZ   . LYS A 1 17 ? 6.792  4.797   4.718   1.00 0.00 ? 17  LYS A NZ   1 
ATOM   207 H  H    . LYS A 1 17 ? 3.590  0.682   0.716   1.00 0.00 ? 17  LYS A H    1 
ATOM   208 H  HA   . LYS A 1 17 ? 6.104  2.078   1.355   1.00 0.00 ? 17  LYS A HA   1 
ATOM   209 H  HB2  . LYS A 1 17 ? 3.673  2.084   3.125   1.00 0.00 ? 17  LYS A HB2  1 
ATOM   210 H  HB3  . LYS A 1 17 ? 5.277  2.063   3.854   1.00 0.00 ? 17  LYS A HB3  1 
ATOM   211 H  HG2  . LYS A 1 17 ? 4.214  4.122   1.900   1.00 0.00 ? 17  LYS A HG2  1 
ATOM   212 H  HG3  . LYS A 1 17 ? 4.559  4.375   3.612   1.00 0.00 ? 17  LYS A HG3  1 
ATOM   213 H  HD2  . LYS A 1 17 ? 6.915  3.284   2.521   1.00 0.00 ? 17  LYS A HD2  1 
ATOM   214 H  HD3  . LYS A 1 17 ? 6.371  4.495   1.359   1.00 0.00 ? 17  LYS A HD3  1 
ATOM   215 H  HE2  . LYS A 1 17 ? 7.811  5.553   3.030   1.00 0.00 ? 17  LYS A HE2  1 
ATOM   216 H  HE3  . LYS A 1 17 ? 6.158  6.138   3.216   1.00 0.00 ? 17  LYS A HE3  1 
ATOM   217 H  HZ1  . LYS A 1 17 ? 7.128  3.812   4.751   1.00 0.00 ? 17  LYS A HZ1  1 
ATOM   218 H  HZ2  . LYS A 1 17 ? 7.417  5.396   5.295   1.00 0.00 ? 17  LYS A HZ2  1 
ATOM   219 H  HZ3  . LYS A 1 17 ? 5.825  4.846   5.094   1.00 0.00 ? 17  LYS A HZ3  1 
ATOM   220 N  N    . ALA A 1 18 ? 6.410  0.047   3.284   1.00 0.00 ? 18  ALA A N    1 
ATOM   221 C  CA   . ALA A 1 18 ? 6.859  -1.296  3.761   1.00 0.00 ? 18  ALA A CA   1 
ATOM   222 C  C    . ALA A 1 18 ? 5.824  -1.875  4.731   1.00 0.00 ? 18  ALA A C    1 
ATOM   223 O  O    . ALA A 1 18 ? 6.163  -2.518  5.704   1.00 0.00 ? 18  ALA A O    1 
ATOM   224 C  CB   . ALA A 1 18 ? 8.204  -1.153  4.475   1.00 0.00 ? 18  ALA A CB   1 
ATOM   225 H  H    . ALA A 1 18 ? 6.673  0.852   3.776   1.00 0.00 ? 18  ALA A H    1 
ATOM   226 H  HA   . ALA A 1 18 ? 6.969  -1.958  2.914   1.00 0.00 ? 18  ALA A HA   1 
ATOM   227 H  HB1  . ALA A 1 18 ? 8.684  -0.238  4.161   1.00 0.00 ? 18  ALA A HB1  1 
ATOM   228 H  HB2  . ALA A 1 18 ? 8.045  -1.126  5.543   1.00 0.00 ? 18  ALA A HB2  1 
ATOM   229 H  HB3  . ALA A 1 18 ? 8.836  -1.993  4.226   1.00 0.00 ? 18  ALA A HB3  1 
ATOM   230 N  N    . GLY A 1 19 ? 4.565  -1.657  4.470   1.00 0.00 ? 19  GLY A N    1 
ATOM   231 C  CA   . GLY A 1 19 ? 3.502  -2.194  5.366   1.00 0.00 ? 19  GLY A CA   1 
ATOM   232 C  C    . GLY A 1 19 ? 2.187  -2.218  4.593   1.00 0.00 ? 19  GLY A C    1 
ATOM   233 O  O    . GLY A 1 19 ? 1.235  -1.549  4.941   1.00 0.00 ? 19  GLY A O    1 
ATOM   234 H  H    . GLY A 1 19 ? 4.314  -1.143  3.675   1.00 0.00 ? 19  GLY A H    1 
ATOM   235 H  HA2  . GLY A 1 19 ? 3.763  -3.196  5.678   1.00 0.00 ? 19  GLY A HA2  1 
ATOM   236 H  HA3  . GLY A 1 19 ? 3.399  -1.557  6.231   1.00 0.00 ? 19  GLY A HA3  1 
ATOM   237 N  N    . CYS A 1 20 ? 2.141  -2.958  3.524   1.00 0.00 ? 20  CYS A N    1 
ATOM   238 C  CA   . CYS A 1 20 ? 0.907  -3.003  2.698   1.00 0.00 ? 20  CYS A CA   1 
ATOM   239 C  C    . CYS A 1 20 ? -0.164 -3.884  3.342   1.00 0.00 ? 20  CYS A C    1 
ATOM   240 O  O    . CYS A 1 20 ? -0.221 -5.077  3.109   1.00 0.00 ? 20  CYS A O    1 
ATOM   241 C  CB   . CYS A 1 20 ? 1.259  -3.565  1.325   1.00 0.00 ? 20  CYS A CB   1 
ATOM   242 S  SG   . CYS A 1 20 ? 0.013  -3.043  0.121   1.00 0.00 ? 20  CYS A SG   1 
ATOM   243 H  H    . CYS A 1 20 ? 2.930  -3.468  3.246   1.00 0.00 ? 20  CYS A H    1 
ATOM   244 H  HA   . CYS A 1 20 ? 0.522  -2.002  2.580   1.00 0.00 ? 20  CYS A HA   1 
ATOM   245 H  HB2  . CYS A 1 20 ? 2.227  -3.191  1.029   1.00 0.00 ? 20  CYS A HB2  1 
ATOM   246 H  HB3  . CYS A 1 20 ? 1.290  -4.642  1.376   1.00 0.00 ? 20  CYS A HB3  1 
ATOM   247 N  N    . GLN A 1 21 ? -1.044 -3.303  4.110   1.00 0.00 ? 21  GLN A N    1 
ATOM   248 C  CA   . GLN A 1 21 ? -2.134 -4.091  4.716   1.00 0.00 ? 21  GLN A CA   1 
ATOM   249 C  C    . GLN A 1 21 ? -3.197 -4.258  3.626   1.00 0.00 ? 21  GLN A C    1 
ATOM   250 O  O    . GLN A 1 21 ? -3.866 -5.268  3.526   1.00 0.00 ? 21  GLN A O    1 
ATOM   251 C  CB   . GLN A 1 21 ? -2.681 -3.307  5.915   1.00 0.00 ? 21  GLN A CB   1 
ATOM   252 C  CG   . GLN A 1 21 ? -4.170 -3.569  6.086   1.00 0.00 ? 21  GLN A CG   1 
ATOM   253 C  CD   . GLN A 1 21 ? -4.968 -2.417  5.472   1.00 0.00 ? 21  GLN A CD   1 
ATOM   254 O  OE1  . GLN A 1 21 ? -4.554 -1.833  4.492   1.00 0.00 ? 21  GLN A OE1  1 
ATOM   255 N  NE2  . GLN A 1 21 ? -6.102 -2.065  6.013   1.00 0.00 ? 21  GLN A NE2  1 
ATOM   256 H  H    . GLN A 1 21 ? -1.013 -2.341  4.264   1.00 0.00 ? 21  GLN A H    1 
ATOM   257 H  HA   . GLN A 1 21 ? -1.766 -5.056  5.031   1.00 0.00 ? 21  GLN A HA   1 
ATOM   258 H  HB2  . GLN A 1 21 ? -2.160 -3.615  6.810   1.00 0.00 ? 21  GLN A HB2  1 
ATOM   259 H  HB3  . GLN A 1 21 ? -2.521 -2.251  5.756   1.00 0.00 ? 21  GLN A HB3  1 
ATOM   260 H  HG2  . GLN A 1 21 ? -4.425 -4.491  5.588   1.00 0.00 ? 21  GLN A HG2  1 
ATOM   261 H  HG3  . GLN A 1 21 ? -4.397 -3.646  7.134   1.00 0.00 ? 21  GLN A HG3  1 
ATOM   262 H  HE21 . GLN A 1 21 ? -6.435 -2.536  6.804   1.00 0.00 ? 21  GLN A HE21 1 
ATOM   263 H  HE22 . GLN A 1 21 ? -6.621 -1.328  5.627   1.00 0.00 ? 21  GLN A HE22 1 
ATOM   264 N  N    . CYS A 1 22 ? -3.317 -3.259  2.794   1.00 0.00 ? 22  CYS A N    1 
ATOM   265 C  CA   . CYS A 1 22 ? -4.284 -3.295  1.668   1.00 0.00 ? 22  CYS A CA   1 
ATOM   266 C  C    . CYS A 1 22 ? -3.953 -4.493  0.769   1.00 0.00 ? 22  CYS A C    1 
ATOM   267 O  O    . CYS A 1 22 ? -2.872 -4.584  0.222   1.00 0.00 ? 22  CYS A O    1 
ATOM   268 C  CB   . CYS A 1 22 ? -4.100 -1.990  0.883   1.00 0.00 ? 22  CYS A CB   1 
ATOM   269 S  SG   . CYS A 1 22 ? -4.686 -2.148  -0.813  1.00 0.00 ? 22  CYS A SG   1 
ATOM   270 H  H    . CYS A 1 22 ? -2.744 -2.473  2.901   1.00 0.00 ? 22  CYS A H    1 
ATOM   271 H  HA   . CYS A 1 22 ? -5.294 -3.368  2.039   1.00 0.00 ? 22  CYS A HA   1 
ATOM   272 H  HB2  . CYS A 1 22 ? -4.624 -1.182  1.363   1.00 0.00 ? 22  CYS A HB2  1 
ATOM   273 H  HB3  . CYS A 1 22 ? -3.046 -1.757  0.860   1.00 0.00 ? 22  CYS A HB3  1 
ATOM   274 N  N    . THR A 1 23 ? -4.869 -5.404  0.596   1.00 0.00 ? 23  THR A N    1 
ATOM   275 C  CA   . THR A 1 23 ? -4.587 -6.574  -0.286  1.00 0.00 ? 23  THR A CA   1 
ATOM   276 C  C    . THR A 1 23 ? -5.110 -6.275  -1.694  1.00 0.00 ? 23  THR A C    1 
ATOM   277 O  O    . THR A 1 23 ? -5.134 -7.130  -2.556  1.00 0.00 ? 23  THR A O    1 
ATOM   278 C  CB   . THR A 1 23 ? -5.288 -7.816  0.268   1.00 0.00 ? 23  THR A CB   1 
ATOM   279 O  OG1  . THR A 1 23 ? -5.072 -8.909  -0.613  1.00 0.00 ? 23  THR A OG1  1 
ATOM   280 C  CG2  . THR A 1 23 ? -6.788 -7.548  0.392   1.00 0.00 ? 23  THR A CG2  1 
ATOM   281 H  H    . THR A 1 23 ? -5.742 -5.315  1.034   1.00 0.00 ? 23  THR A H    1 
ATOM   282 H  HA   . THR A 1 23 ? -3.521 -6.746  -0.324  1.00 0.00 ? 23  THR A HA   1 
ATOM   283 H  HB   . THR A 1 23 ? -4.887 -8.054  1.241   1.00 0.00 ? 23  THR A HB   1 
ATOM   284 H  HG1  . THR A 1 23 ? -4.370 -9.453  -0.247  1.00 0.00 ? 23  THR A HG1  1 
ATOM   285 H  HG21 . THR A 1 23 ? -6.987 -6.509  0.174   1.00 0.00 ? 23  THR A HG21 1 
ATOM   286 H  HG22 . THR A 1 23 ? -7.325 -8.171  -0.307  1.00 0.00 ? 23  THR A HG22 1 
ATOM   287 H  HG23 . THR A 1 23 ? -7.112 -7.772  1.398   1.00 0.00 ? 23  THR A HG23 1 
ATOM   288 N  N    . SER A 1 24 ? -5.540 -5.063  -1.921  1.00 0.00 ? 24  SER A N    1 
ATOM   289 C  CA   . SER A 1 24 ? -6.082 -4.684  -3.254  1.00 0.00 ? 24  SER A CA   1 
ATOM   290 C  C    . SER A 1 24 ? -4.967 -4.639  -4.306  1.00 0.00 ? 24  SER A C    1 
ATOM   291 O  O    . SER A 1 24 ? -5.236 -4.701  -5.489  1.00 0.00 ? 24  SER A O    1 
ATOM   292 C  CB   . SER A 1 24 ? -6.740 -3.307  -3.161  1.00 0.00 ? 24  SER A CB   1 
ATOM   293 O  OG   . SER A 1 24 ? -7.682 -3.309  -2.097  1.00 0.00 ? 24  SER A OG   1 
ATOM   294 H  H    . SER A 1 24 ? -5.520 -4.406  -1.205  1.00 0.00 ? 24  SER A H    1 
ATOM   295 H  HA   . SER A 1 24 ? -6.823 -5.408  -3.554  1.00 0.00 ? 24  SER A HA   1 
ATOM   296 H  HB2  . SER A 1 24 ? -5.990 -2.558  -2.969  1.00 0.00 ? 24  SER A HB2  1 
ATOM   297 H  HB3  . SER A 1 24 ? -7.237 -3.084  -4.097  1.00 0.00 ? 24  SER A HB3  1 
ATOM   298 H  HG   . SER A 1 24 ? -8.036 -2.421  -2.013  1.00 0.00 ? 24  SER A HG   1 
ATOM   299 N  N    . CYS A 1 25 ? -3.720 -4.558  -3.912  1.00 0.00 ? 25  CYS A N    1 
ATOM   300 C  CA   . CYS A 1 25 ? -2.657 -4.542  -4.898  1.00 0.00 ? 25  CYS A CA   1 
ATOM   301 C  C    . CYS A 1 25 ? -2.048 -5.938  -4.922  1.00 0.00 ? 25  CYS A C    1 
ATOM   302 O  O    . CYS A 1 25 ? -2.654 -6.923  -4.549  1.00 0.00 ? 25  CYS A O    1 
ATOM   303 C  CB   . CYS A 1 25 ? -1.605 -3.463  -4.535  1.00 0.00 ? 25  CYS A CB   1 
ATOM   304 S  SG   . CYS A 1 25 ? -1.345 -3.257  -2.740  1.00 0.00 ? 25  CYS A SG   1 
ATOM   305 H  H    . CYS A 1 25 ? -3.478 -4.537  -2.982  1.00 0.00 ? 25  CYS A H    1 
ATOM   306 H  HA   . CYS A 1 25 ? -3.055 -4.309  -5.874  1.00 0.00 ? 25  CYS A HA   1 
ATOM   307 H  HB2  . CYS A 1 25 ? -0.669 -3.718  -4.983  1.00 0.00 ? 25  CYS A HB2  1 
ATOM   308 H  HB3  . CYS A 1 25 ? -1.932 -2.518  -4.947  1.00 0.00 ? 25  CYS A HB3  1 
ATOM   309 N  N    . ARG A 1 26 ? -0.857 -5.990  -5.328  1.00 0.00 ? 26  ARG A N    1 
ATOM   310 C  CA   . ARG A 1 26 ? -0.077 -7.257  -5.393  1.00 0.00 ? 26  ARG A CA   1 
ATOM   311 C  C    . ARG A 1 26 ? 1.274  -6.903  -4.813  1.00 0.00 ? 26  ARG A C    1 
ATOM   312 O  O    . ARG A 1 26 ? 2.310  -7.035  -5.434  1.00 0.00 ? 26  ARG A O    1 
ATOM   313 C  CB   . ARG A 1 26 ? 0.073  -7.713  -6.847  1.00 0.00 ? 26  ARG A CB   1 
ATOM   314 C  CG   . ARG A 1 26 ? 0.008  -9.240  -6.913  1.00 0.00 ? 26  ARG A CG   1 
ATOM   315 C  CD   . ARG A 1 26 ? 1.426  -9.812  -6.900  1.00 0.00 ? 26  ARG A CD   1 
ATOM   316 N  NE   . ARG A 1 26 ? 1.551  -10.798 -5.789  1.00 0.00 ? 26  ARG A NE   1 
ATOM   317 C  CZ   . ARG A 1 26 ? 1.186  -12.037 -5.975  1.00 0.00 ? 26  ARG A CZ   1 
ATOM   318 N  NH1  . ARG A 1 26 ? -0.072 -12.372 -5.866  1.00 0.00 ? 26  ARG A NH1  1 
ATOM   319 N  NH2  . ARG A 1 26 ? 2.079  -12.945 -6.269  1.00 0.00 ? 26  ARG A NH2  1 
ATOM   320 H  H    . ARG A 1 26 ? -0.448 -5.161  -5.570  1.00 0.00 ? 26  ARG A H    1 
ATOM   321 H  HA   . ARG A 1 26 ? -0.554 -8.025  -4.798  1.00 0.00 ? 26  ARG A HA   1 
ATOM   322 H  HB2  . ARG A 1 26 ? -0.726 -7.292  -7.441  1.00 0.00 ? 26  ARG A HB2  1 
ATOM   323 H  HB3  . ARG A 1 26 ? 1.024  -7.378  -7.234  1.00 0.00 ? 26  ARG A HB3  1 
ATOM   324 H  HG2  . ARG A 1 26 ? -0.539 -9.614  -6.059  1.00 0.00 ? 26  ARG A HG2  1 
ATOM   325 H  HG3  . ARG A 1 26 ? -0.491 -9.542  -7.821  1.00 0.00 ? 26  ARG A HG3  1 
ATOM   326 H  HD2  . ARG A 1 26 ? 1.624  -10.302 -7.842  1.00 0.00 ? 26  ARG A HD2  1 
ATOM   327 H  HD3  . ARG A 1 26 ? 2.136  -9.011  -6.753  1.00 0.00 ? 26  ARG A HD3  1 
ATOM   328 H  HE   . ARG A 1 26 ? 1.906  -10.515 -4.921  1.00 0.00 ? 26  ARG A HE   1 
ATOM   329 H  HH11 . ARG A 1 26 ? -0.755 -11.677 -5.641  1.00 0.00 ? 26  ARG A HH11 1 
ATOM   330 H  HH12 . ARG A 1 26 ? -0.351 -13.321 -6.009  1.00 0.00 ? 26  ARG A HH12 1 
ATOM   331 H  HH21 . ARG A 1 26 ? 3.042  -12.689 -6.352  1.00 0.00 ? 26  ARG A HH21 1 
ATOM   332 H  HH22 . ARG A 1 26 ? 1.798  -13.893 -6.411  1.00 0.00 ? 26  ARG A HH22 1 
ATOM   333 N  N    . CYS A 1 27 ? 1.224  -6.352  -3.645  1.00 0.00 ? 27  CYS A N    1 
ATOM   334 C  CA   . CYS A 1 27 ? 2.437  -5.842  -2.978  1.00 0.00 ? 27  CYS A CA   1 
ATOM   335 C  C    . CYS A 1 27 ? 3.439  -6.978  -2.827  1.00 0.00 ? 27  CYS A C    1 
ATOM   336 O  O    . CYS A 1 27 ? 4.433  -7.051  -3.523  1.00 0.00 ? 27  CYS A O    1 
ATOM   337 C  CB   . CYS A 1 27 ? 2.024  -5.364  -1.597  1.00 0.00 ? 27  CYS A CB   1 
ATOM   338 S  SG   . CYS A 1 27 ? 2.724  -3.730  -1.336  1.00 0.00 ? 27  CYS A SG   1 
ATOM   339 H  H    . CYS A 1 27 ? 0.352  -6.204  -3.224  1.00 0.00 ? 27  CYS A H    1 
ATOM   340 H  HA   . CYS A 1 27 ? 2.867  -5.028  -3.540  1.00 0.00 ? 27  CYS A HA   1 
ATOM   341 H  HB2  . CYS A 1 27 ? 0.953  -5.335  -1.527  1.00 0.00 ? 27  CYS A HB2  1 
ATOM   342 H  HB3  . CYS A 1 27 ? 2.413  -6.040  -0.850  1.00 0.00 ? 27  CYS A HB3  1 
ATOM   343 N  N    . SER A 1 28 ? 3.174  -7.866  -1.913  1.00 0.00 ? 28  SER A N    1 
ATOM   344 C  CA   . SER A 1 28 ? 4.100  -9.014  -1.695  1.00 0.00 ? 28  SER A CA   1 
ATOM   345 C  C    . SER A 1 28 ? 3.727  -10.159 -2.641  1.00 0.00 ? 28  SER A C    1 
ATOM   346 O  O    . SER A 1 28 ? 4.467  -10.386 -3.583  1.00 0.00 ? 28  SER A O    1 
ATOM   347 C  CB   . SER A 1 28 ? 3.992  -9.495  -0.246  1.00 0.00 ? 28  SER A CB   1 
ATOM   348 O  OG   . SER A 1 28 ? 2.931  -8.806  0.401   1.00 0.00 ? 28  SER A OG   1 
ATOM   349 O  OXT  . SER A 1 28 ? 2.710  -10.788 -2.404  1.00 0.00 ? 28  SER A OXT  1 
ATOM   350 H  H    . SER A 1 28 ? 2.359  -7.772  -1.369  1.00 0.00 ? 28  SER A H    1 
ATOM   351 H  HA   . SER A 1 28 ? 5.114  -8.701  -1.894  1.00 0.00 ? 28  SER A HA   1 
ATOM   352 H  HB2  . SER A 1 28 ? 3.789  -10.553 -0.230  1.00 0.00 ? 28  SER A HB2  1 
ATOM   353 H  HB3  . SER A 1 28 ? 4.926  -9.302  0.266   1.00 0.00 ? 28  SER A HB3  1 
ATOM   354 H  HG   . SER A 1 28 ? 2.718  -9.280  1.209   1.00 0.00 ? 28  SER A HG   1 
HETATM 355 CD CD   . CD  B 2 .  ? 0.165  -0.510  -0.062  1.00 0.00 ? 103 CD  A CD   1 
HETATM 356 CD CD   . CD  C 2 .  ? -2.760 -1.173  -2.112  1.00 0.00 ? 104 CD  A CD   1 
HETATM 357 CD CD   . CD  D 2 .  ? 1.057  -2.264  -2.617  1.00 0.00 ? 105 CD  A CD   1 
# 
